data_4R9Y
#
_entry.id   4R9Y
#
_cell.length_a   49.490
_cell.length_b   99.340
_cell.length_c   261.740
_cell.angle_alpha   90.00
_cell.angle_beta   90.00
_cell.angle_gamma   90.00
#
_symmetry.space_group_name_H-M   'P 21 21 21'
#
loop_
_entity.id
_entity.type
_entity.pdbx_description
1 polymer 'Platelet factor 4'
2 polymer 'Platelet factor 4 antibody KKO light chain'
3 polymer 'Platelet factor 4 antibody KKO heavy chain'
#
loop_
_entity_poly.entity_id
_entity_poly.type
_entity_poly.pdbx_seq_one_letter_code
_entity_poly.pdbx_strand_id
1 'polypeptide(L)' EAEEDGDLQCLCVKTTSQVRPRHITSLEVIKAGPHCPTAQLIATLKNGRKICLDLQAPLYKKIIKKLLES D,C,B,A
2 'polypeptide(L)'
;DIQMIQSQKFMSTSVGDRVTVTCKASQNVGTNVAWYQQKPGQSPNALIYSASYRYSGVPDRFTGSGSGTDFTLTITNVQS
EDLADYFCQQYNSYPLTFGTGTKLDLKRADAAPTVSIFPPSSEQLTSGGASVVCFLNNFYPKDINVKWKIDGSERQNGVL
NSWTDQDSKDSTYSMSSTLTLTKDEYERHNSYTCEATHKTSTSPIVKSFNRNEC
;
L,M
3 'polypeptide(L)'
;VQLQQSGAELVKPGASVKLSCKASGYTFTNYFIYWVKQRPGQGLEWIGEINPRNGDTDFNEKFESRATLTVDKSSSTAYM
QLSSLTSEDSAIYYCTRSPYGNNYGFTYWGQGTLVTVSAAKTTPPSVYPLAPGCGDAAGSSVTLGCLVKGYFPESVTVTW
NSGSLSSSVHTFPALLQSGLYTMSSSVTVPSSTWPSQTVTCSVAHPASSTTVDKKLEP
;
H,N
#
# COMPACT_ATOMS: atom_id res chain seq x y z
N GLY A 6 -6.63 -12.44 -15.21
CA GLY A 6 -5.67 -13.59 -15.29
C GLY A 6 -4.23 -13.18 -15.01
N ASP A 7 -4.05 -12.31 -14.02
CA ASP A 7 -2.73 -11.86 -13.59
C ASP A 7 -2.26 -12.58 -12.32
N LEU A 8 -1.26 -12.00 -11.64
CA LEU A 8 -0.69 -12.51 -10.39
C LEU A 8 0.12 -13.80 -10.57
N GLN A 9 1.43 -13.63 -10.75
CA GLN A 9 2.35 -14.75 -10.97
C GLN A 9 2.76 -15.39 -9.64
N CYS A 10 3.25 -16.63 -9.71
CA CYS A 10 3.78 -17.32 -8.54
C CYS A 10 4.98 -16.57 -7.98
N LEU A 11 5.21 -16.75 -6.68
CA LEU A 11 6.34 -16.12 -6.02
C LEU A 11 7.62 -16.95 -6.15
N CYS A 12 7.45 -18.27 -6.22
CA CYS A 12 8.58 -19.19 -6.29
C CYS A 12 8.92 -19.59 -7.72
N VAL A 13 10.21 -19.79 -7.97
CA VAL A 13 10.67 -20.38 -9.23
C VAL A 13 11.60 -21.56 -8.92
N LYS A 14 12.21 -21.51 -7.74
CA LYS A 14 13.12 -22.55 -7.31
C LYS A 14 12.58 -23.22 -6.06
N THR A 15 12.71 -24.55 -6.01
CA THR A 15 12.18 -25.35 -4.91
C THR A 15 13.04 -25.22 -3.66
N THR A 16 14.27 -25.75 -3.71
CA THR A 16 15.23 -25.72 -2.59
C THR A 16 14.78 -26.59 -1.40
N SER A 17 15.75 -27.11 -0.65
CA SER A 17 15.46 -27.87 0.56
C SER A 17 16.41 -27.54 1.71
N GLN A 18 17.67 -27.27 1.40
CA GLN A 18 18.68 -26.94 2.43
C GLN A 18 18.40 -25.59 3.12
N VAL A 19 18.34 -25.62 4.46
CA VAL A 19 18.04 -24.44 5.27
C VAL A 19 18.28 -24.67 6.78
N ARG A 20 18.47 -23.57 7.52
CA ARG A 20 18.69 -23.60 8.97
C ARG A 20 17.38 -23.71 9.73
N PRO A 21 17.22 -24.77 10.54
CA PRO A 21 15.97 -25.00 11.27
C PRO A 21 15.77 -24.00 12.43
N ARG A 22 16.78 -23.17 12.66
CA ARG A 22 16.77 -22.25 13.78
C ARG A 22 16.45 -20.82 13.35
N HIS A 23 17.22 -20.31 12.40
CA HIS A 23 17.12 -18.92 11.99
C HIS A 23 15.98 -18.70 11.05
N ILE A 24 14.79 -18.52 11.62
CA ILE A 24 13.56 -18.28 10.86
C ILE A 24 12.49 -17.60 11.72
N THR A 25 11.50 -17.00 11.06
CA THR A 25 10.38 -16.34 11.76
C THR A 25 9.05 -17.02 11.45
N SER A 26 8.44 -16.68 10.31
CA SER A 26 7.11 -17.18 9.97
C SER A 26 7.10 -17.95 8.66
N LEU A 27 6.16 -18.88 8.55
CA LEU A 27 6.03 -19.68 7.34
C LEU A 27 4.58 -19.81 6.94
N GLU A 28 4.33 -19.82 5.63
CA GLU A 28 2.99 -20.02 5.11
C GLU A 28 2.95 -20.91 3.86
N VAL A 29 1.82 -21.58 3.68
CA VAL A 29 1.57 -22.43 2.52
C VAL A 29 0.33 -21.93 1.82
N ILE A 30 0.46 -21.67 0.53
CA ILE A 30 -0.65 -21.20 -0.27
C ILE A 30 -1.20 -22.35 -1.12
N LYS A 31 -2.53 -22.45 -1.18
CA LYS A 31 -3.24 -23.43 -1.99
C LYS A 31 -3.01 -23.16 -3.48
N ALA A 32 -3.10 -24.22 -4.29
CA ALA A 32 -2.97 -24.10 -5.74
C ALA A 32 -4.13 -23.31 -6.35
N GLY A 33 -3.97 -21.99 -6.41
CA GLY A 33 -5.02 -21.10 -6.91
C GLY A 33 -5.02 -20.96 -8.42
N PRO A 34 -5.97 -20.16 -8.95
CA PRO A 34 -6.03 -19.92 -10.40
C PRO A 34 -4.81 -19.15 -10.90
N HIS A 35 -4.38 -18.16 -10.12
CA HIS A 35 -3.24 -17.33 -10.46
C HIS A 35 -1.92 -18.05 -10.31
N CYS A 36 -1.87 -18.99 -9.36
CA CYS A 36 -0.65 -19.76 -9.10
C CYS A 36 -0.94 -21.26 -8.90
N PRO A 37 -0.54 -22.09 -9.89
CA PRO A 37 -0.84 -23.52 -9.97
C PRO A 37 -0.02 -24.44 -9.07
N THR A 38 1.23 -24.06 -8.78
CA THR A 38 2.08 -24.84 -7.89
C THR A 38 1.66 -24.66 -6.44
N ALA A 39 2.04 -25.63 -5.60
CA ALA A 39 1.83 -25.53 -4.16
C ALA A 39 2.92 -24.65 -3.54
N GLN A 40 2.55 -23.41 -3.24
CA GLN A 40 3.48 -22.41 -2.72
C GLN A 40 3.80 -22.67 -1.25
N LEU A 41 5.08 -22.50 -0.91
CA LEU A 41 5.54 -22.67 0.46
C LEU A 41 6.67 -21.67 0.79
N ILE A 42 6.25 -20.46 1.11
CA ILE A 42 7.19 -19.40 1.45
C ILE A 42 7.38 -19.29 2.95
N ALA A 43 8.55 -18.81 3.35
CA ALA A 43 8.89 -18.60 4.74
C ALA A 43 9.75 -17.36 4.87
N THR A 44 9.33 -16.48 5.77
CA THR A 44 10.03 -15.21 6.02
C THR A 44 11.23 -15.45 6.94
N LEU A 45 12.40 -15.10 6.45
CA LEU A 45 13.65 -15.28 7.19
C LEU A 45 13.77 -14.31 8.36
N LYS A 46 14.56 -14.71 9.35
CA LYS A 46 14.81 -13.93 10.55
C LYS A 46 15.62 -12.67 10.24
N ASN A 47 16.20 -12.62 9.05
CA ASN A 47 17.04 -11.48 8.62
C ASN A 47 16.33 -10.53 7.66
N GLY A 48 15.20 -10.97 7.12
CA GLY A 48 14.40 -10.14 6.23
C GLY A 48 14.49 -10.57 4.77
N ARG A 49 14.19 -11.84 4.53
CA ARG A 49 14.10 -12.37 3.17
C ARG A 49 13.05 -13.48 3.13
N LYS A 50 12.65 -13.85 1.91
CA LYS A 50 11.69 -14.93 1.71
C LYS A 50 12.35 -16.07 0.92
N ILE A 51 12.08 -17.31 1.32
CA ILE A 51 12.55 -18.50 0.59
C ILE A 51 11.48 -19.57 0.42
N CYS A 52 11.67 -20.43 -0.59
CA CYS A 52 10.70 -21.46 -0.95
C CYS A 52 11.18 -22.85 -0.54
N LEU A 53 10.26 -23.82 -0.59
CA LEU A 53 10.57 -25.21 -0.22
C LEU A 53 9.92 -26.26 -1.13
N ASP A 54 10.13 -27.53 -0.78
CA ASP A 54 9.55 -28.67 -1.48
C ASP A 54 8.33 -29.23 -0.77
N LEU A 55 7.59 -30.07 -1.50
CA LEU A 55 6.39 -30.73 -0.99
C LEU A 55 6.74 -32.05 -0.30
N GLN A 56 7.46 -32.91 -1.03
CA GLN A 56 7.79 -34.25 -0.56
C GLN A 56 9.02 -34.31 0.34
N ALA A 57 9.67 -33.16 0.52
CA ALA A 57 10.84 -33.07 1.40
C ALA A 57 10.39 -32.82 2.84
N PRO A 58 10.53 -33.83 3.72
CA PRO A 58 9.99 -33.80 5.07
C PRO A 58 10.87 -33.03 6.08
N LEU A 59 11.24 -31.80 5.70
CA LEU A 59 12.09 -30.98 6.56
C LEU A 59 11.35 -29.72 7.01
N TYR A 60 10.20 -29.46 6.40
CA TYR A 60 9.34 -28.34 6.77
C TYR A 60 8.76 -28.56 8.17
N LYS A 61 8.35 -29.79 8.45
CA LYS A 61 7.80 -30.15 9.76
C LYS A 61 8.84 -30.00 10.86
N LYS A 62 10.10 -30.33 10.53
CA LYS A 62 11.23 -30.23 11.45
C LYS A 62 11.33 -28.87 12.16
N ILE A 63 11.02 -27.80 11.43
CA ILE A 63 11.14 -26.45 11.97
C ILE A 63 9.90 -26.01 12.74
N ILE A 64 8.72 -26.29 12.18
CA ILE A 64 7.42 -25.97 12.81
C ILE A 64 7.44 -26.23 14.31
N LYS A 65 7.77 -27.47 14.68
CA LYS A 65 7.77 -27.92 16.07
C LYS A 65 8.64 -27.03 16.97
N LYS A 66 9.82 -26.67 16.48
CA LYS A 66 10.81 -25.88 17.22
C LYS A 66 10.34 -24.47 17.59
N LEU A 67 9.28 -24.02 16.93
CA LEU A 67 8.74 -22.69 17.15
C LEU A 67 7.67 -22.70 18.25
N LEU A 68 6.99 -23.84 18.38
CA LEU A 68 5.96 -24.02 19.40
C LEU A 68 6.56 -24.27 20.78
N GLU A 69 7.88 -24.46 20.82
CA GLU A 69 8.61 -24.63 22.07
C GLU A 69 8.83 -23.26 22.73
N SER A 70 7.75 -22.71 23.28
CA SER A 70 7.77 -21.39 23.91
C SER A 70 6.71 -21.27 25.01
N GLY B 6 8.24 -1.67 21.60
CA GLY B 6 7.31 -2.60 22.31
C GLY B 6 5.87 -2.52 21.85
N ASP B 7 5.68 -2.24 20.56
CA ASP B 7 4.35 -2.18 19.96
C ASP B 7 4.03 -3.45 19.15
N LEU B 8 2.99 -3.36 18.32
CA LEU B 8 2.46 -4.49 17.54
C LEU B 8 1.79 -5.56 18.41
N GLN B 9 0.46 -5.47 18.49
CA GLN B 9 -0.33 -6.40 19.29
C GLN B 9 -0.59 -7.68 18.49
N CYS B 10 -0.86 -8.76 19.22
CA CYS B 10 -1.25 -10.03 18.60
C CYS B 10 -2.50 -9.85 17.74
N LEU B 11 -2.60 -10.68 16.71
CA LEU B 11 -3.67 -10.58 15.74
C LEU B 11 -4.93 -11.30 16.20
N CYS B 12 -4.76 -12.29 17.06
CA CYS B 12 -5.89 -13.09 17.53
C CYS B 12 -6.14 -12.95 19.02
N VAL B 13 -7.40 -13.11 19.41
CA VAL B 13 -7.76 -13.10 20.82
C VAL B 13 -8.41 -14.43 21.22
N LYS B 14 -9.01 -15.12 20.25
CA LYS B 14 -9.71 -16.39 20.51
C LYS B 14 -9.04 -17.56 19.79
N THR B 15 -9.07 -18.72 20.46
CA THR B 15 -8.43 -19.94 19.97
C THR B 15 -9.19 -20.58 18.79
N THR B 16 -10.36 -21.15 19.07
CA THR B 16 -11.23 -21.79 18.08
C THR B 16 -10.64 -23.09 17.51
N SER B 17 -11.51 -24.05 17.18
CA SER B 17 -11.09 -25.31 16.57
C SER B 17 -11.96 -25.74 15.38
N GLN B 18 -13.28 -25.64 15.56
CA GLN B 18 -14.23 -26.06 14.52
C GLN B 18 -14.21 -25.15 13.29
N VAL B 19 -14.10 -25.76 12.12
CA VAL B 19 -14.07 -25.06 10.84
C VAL B 19 -14.25 -26.06 9.69
N ARG B 20 -14.46 -25.52 8.48
CA ARG B 20 -14.53 -26.36 7.28
C ARG B 20 -13.12 -26.60 6.75
N PRO B 21 -12.79 -27.89 6.53
CA PRO B 21 -11.49 -28.26 5.99
C PRO B 21 -11.40 -28.11 4.45
N ARG B 22 -12.48 -27.64 3.83
CA ARG B 22 -12.54 -27.49 2.37
C ARG B 22 -12.57 -26.02 1.93
N HIS B 23 -13.36 -25.20 2.63
CA HIS B 23 -13.51 -23.79 2.30
C HIS B 23 -12.41 -22.96 2.92
N ILE B 24 -11.22 -23.02 2.30
CA ILE B 24 -10.03 -22.33 2.80
C ILE B 24 -8.99 -22.13 1.67
N THR B 25 -8.07 -21.19 1.86
CA THR B 25 -7.00 -20.94 0.90
C THR B 25 -5.62 -21.21 1.50
N SER B 26 -5.05 -20.22 2.21
CA SER B 26 -3.71 -20.34 2.77
C SER B 26 -3.69 -20.29 4.30
N LEU B 27 -2.65 -20.87 4.89
CA LEU B 27 -2.47 -20.84 6.33
C LEU B 27 -1.03 -20.54 6.70
N GLU B 28 -0.85 -19.66 7.68
CA GLU B 28 0.50 -19.37 8.16
C GLU B 28 0.63 -19.45 9.67
N VAL B 29 1.85 -19.71 10.10
CA VAL B 29 2.20 -19.80 11.50
C VAL B 29 3.32 -18.82 11.79
N ILE B 30 3.16 -18.02 12.85
CA ILE B 30 4.19 -17.08 13.29
C ILE B 30 4.73 -17.50 14.66
N LYS B 31 6.05 -17.48 14.80
CA LYS B 31 6.75 -17.85 16.03
C LYS B 31 6.45 -16.87 17.16
N ALA B 32 6.55 -17.36 18.40
CA ALA B 32 6.40 -16.53 19.59
C ALA B 32 7.48 -15.45 19.69
N GLY B 33 7.25 -14.32 19.01
CA GLY B 33 8.20 -13.22 18.97
C GLY B 33 8.05 -12.22 20.11
N PRO B 34 8.77 -11.09 20.03
CA PRO B 34 8.76 -10.07 21.09
C PRO B 34 7.42 -9.34 21.21
N HIS B 35 6.87 -8.92 20.08
CA HIS B 35 5.63 -8.18 20.02
C HIS B 35 4.42 -9.04 20.33
N CYS B 36 4.53 -10.33 20.02
CA CYS B 36 3.46 -11.28 20.29
C CYS B 36 4.02 -12.61 20.82
N PRO B 37 3.80 -12.87 22.13
CA PRO B 37 4.34 -14.04 22.85
C PRO B 37 3.65 -15.37 22.54
N THR B 38 2.38 -15.33 22.16
CA THR B 38 1.64 -16.55 21.85
C THR B 38 2.04 -17.10 20.48
N ALA B 39 1.78 -18.40 20.29
CA ALA B 39 2.01 -19.06 19.02
C ALA B 39 0.82 -18.79 18.10
N GLN B 40 1.03 -17.87 17.16
CA GLN B 40 -0.01 -17.46 16.22
C GLN B 40 -0.22 -18.50 15.12
N LEU B 41 -1.47 -18.65 14.69
CA LEU B 41 -1.82 -19.59 13.64
C LEU B 41 -3.01 -19.09 12.80
N ILE B 42 -2.73 -18.14 11.92
CA ILE B 42 -3.77 -17.52 11.10
C ILE B 42 -3.94 -18.20 9.75
N ALA B 43 -5.18 -18.20 9.26
CA ALA B 43 -5.52 -18.74 7.96
C ALA B 43 -6.51 -17.83 7.26
N THR B 44 -6.19 -17.49 6.01
CA THR B 44 -7.05 -16.64 5.19
C THR B 44 -8.14 -17.50 4.55
N LEU B 45 -9.39 -17.10 4.77
CA LEU B 45 -10.54 -17.84 4.25
C LEU B 45 -10.74 -17.63 2.76
N LYS B 46 -11.49 -18.53 2.13
CA LYS B 46 -11.73 -18.47 0.69
C LYS B 46 -12.68 -17.32 0.34
N ASN B 47 -13.25 -16.71 1.37
CA ASN B 47 -14.24 -15.64 1.21
C ASN B 47 -13.71 -14.24 1.55
N GLY B 48 -12.49 -14.18 2.08
CA GLY B 48 -11.83 -12.91 2.38
C GLY B 48 -11.84 -12.50 3.84
N ARG B 49 -11.43 -13.41 4.70
CA ARG B 49 -11.44 -13.20 6.15
C ARG B 49 -10.30 -13.98 6.82
N LYS B 50 -9.97 -13.61 8.05
CA LYS B 50 -8.89 -14.27 8.80
C LYS B 50 -9.39 -14.90 10.11
N ILE B 51 -8.78 -16.02 10.51
CA ILE B 51 -9.13 -16.73 11.76
C ILE B 51 -7.94 -17.49 12.36
N CYS B 52 -7.99 -17.71 13.67
CA CYS B 52 -6.94 -18.43 14.39
C CYS B 52 -7.32 -19.85 14.80
N LEU B 53 -6.31 -20.60 15.27
CA LEU B 53 -6.50 -21.98 15.72
C LEU B 53 -5.74 -22.31 17.01
N ASP B 54 -5.75 -23.59 17.38
CA ASP B 54 -5.08 -24.08 18.58
C ASP B 54 -3.77 -24.81 18.25
N LEU B 55 -3.00 -25.09 19.29
CA LEU B 55 -1.73 -25.80 19.14
C LEU B 55 -1.92 -27.31 19.23
N GLN B 56 -2.56 -27.76 20.31
CA GLN B 56 -2.71 -29.19 20.59
C GLN B 56 -3.86 -29.89 19.86
N ALA B 57 -4.65 -29.11 19.11
CA ALA B 57 -5.75 -29.65 18.33
C ALA B 57 -5.23 -30.20 17.00
N PRO B 58 -5.34 -31.53 16.78
CA PRO B 58 -4.77 -32.18 15.60
C PRO B 58 -5.65 -32.08 14.35
N LEU B 59 -6.05 -30.87 13.99
CA LEU B 59 -6.97 -30.64 12.88
C LEU B 59 -6.33 -29.80 11.77
N TYR B 60 -5.23 -29.14 12.10
CA TYR B 60 -4.52 -28.26 11.14
C TYR B 60 -3.85 -29.04 10.01
N LYS B 61 -3.20 -30.15 10.36
CA LYS B 61 -2.54 -31.00 9.37
C LYS B 61 -3.53 -31.63 8.41
N LYS B 62 -4.71 -32.01 8.93
CA LYS B 62 -5.81 -32.56 8.13
C LYS B 62 -6.12 -31.75 6.87
N ILE B 63 -6.01 -30.43 6.97
CA ILE B 63 -6.30 -29.54 5.86
C ILE B 63 -5.10 -29.40 4.94
N ILE B 64 -3.93 -29.23 5.53
CA ILE B 64 -2.67 -29.04 4.81
C ILE B 64 -2.53 -30.06 3.68
N LYS B 65 -2.65 -31.34 4.03
CA LYS B 65 -2.52 -32.44 3.09
C LYS B 65 -3.49 -32.32 1.93
N LYS B 66 -4.75 -31.97 2.23
CA LYS B 66 -5.81 -31.84 1.23
C LYS B 66 -5.56 -30.71 0.24
N LEU B 67 -4.63 -29.81 0.58
CA LEU B 67 -4.20 -28.74 -0.32
C LEU B 67 -3.13 -29.27 -1.27
N LEU B 68 -2.41 -30.29 -0.80
CA LEU B 68 -1.29 -30.87 -1.54
C LEU B 68 -1.75 -31.94 -2.54
N GLU B 69 -3.06 -31.96 -2.81
CA GLU B 69 -3.65 -32.88 -3.78
C GLU B 69 -3.97 -32.16 -5.09
N SER B 70 -2.94 -31.61 -5.71
CA SER B 70 -3.05 -30.91 -6.99
C SER B 70 -1.77 -31.07 -7.82
N ASP C 1 2.89 3.79 -34.89
CA ASP C 1 4.20 4.50 -35.08
C ASP C 1 4.09 5.98 -34.69
N ILE C 2 4.85 6.37 -33.68
CA ILE C 2 4.78 7.71 -33.10
C ILE C 2 6.12 8.45 -33.23
N GLN C 3 7.21 7.75 -32.90
CA GLN C 3 8.58 8.31 -32.92
C GLN C 3 8.83 9.26 -31.75
N MET C 4 10.05 9.19 -31.21
CA MET C 4 10.46 10.04 -30.10
C MET C 4 11.67 10.90 -30.49
N ILE C 5 11.43 12.21 -30.60
CA ILE C 5 12.43 13.16 -31.08
C ILE C 5 13.53 13.39 -30.05
N GLN C 6 14.74 12.99 -30.41
CA GLN C 6 15.93 13.24 -29.58
C GLN C 6 16.77 14.33 -30.20
N SER C 7 16.71 15.52 -29.58
CA SER C 7 17.38 16.71 -30.09
C SER C 7 18.89 16.55 -30.18
N GLN C 8 19.50 16.09 -29.08
CA GLN C 8 20.94 15.79 -29.08
C GLN C 8 21.21 14.31 -29.33
N LYS C 9 22.21 14.05 -30.17
CA LYS C 9 22.60 12.68 -30.53
C LYS C 9 24.08 12.43 -30.22
N PHE C 10 24.89 13.49 -30.32
CA PHE C 10 26.33 13.39 -30.09
C PHE C 10 26.79 14.43 -29.08
N MET C 11 27.09 13.97 -27.87
CA MET C 11 27.48 14.86 -26.78
C MET C 11 28.81 14.41 -26.17
N SER C 12 29.31 15.19 -25.21
CA SER C 12 30.56 14.91 -24.51
C SER C 12 30.69 15.75 -23.25
N THR C 13 31.09 15.13 -22.15
CA THR C 13 31.19 15.81 -20.85
C THR C 13 32.33 15.26 -19.99
N SER C 14 32.60 15.95 -18.88
CA SER C 14 33.73 15.64 -18.03
C SER C 14 33.42 14.58 -16.96
N VAL C 15 34.36 14.38 -16.05
CA VAL C 15 34.21 13.46 -14.91
C VAL C 15 33.36 14.13 -13.81
N GLY C 16 32.08 13.79 -13.77
CA GLY C 16 31.15 14.29 -12.74
C GLY C 16 30.19 15.38 -13.17
N ASP C 17 29.73 15.28 -14.43
CA ASP C 17 28.90 16.33 -15.01
C ASP C 17 27.42 15.96 -15.05
N ARG C 18 26.58 16.99 -14.96
CA ARG C 18 25.13 16.85 -15.12
C ARG C 18 24.77 16.85 -16.60
N VAL C 19 24.32 15.70 -17.10
CA VAL C 19 23.92 15.56 -18.49
C VAL C 19 22.41 15.40 -18.64
N THR C 20 21.86 16.01 -19.69
CA THR C 20 20.42 16.00 -19.94
C THR C 20 20.10 15.46 -21.34
N VAL C 21 19.75 14.18 -21.40
CA VAL C 21 19.36 13.55 -22.67
C VAL C 21 17.99 14.06 -23.10
N THR C 22 17.98 14.93 -24.10
CA THR C 22 16.76 15.55 -24.60
C THR C 22 15.93 14.56 -25.41
N CYS C 23 14.70 14.33 -24.95
CA CYS C 23 13.79 13.41 -25.63
C CYS C 23 12.35 13.93 -25.52
N LYS C 24 11.81 14.37 -26.66
CA LYS C 24 10.46 14.91 -26.71
C LYS C 24 9.58 13.98 -27.56
N ALA C 25 8.33 13.81 -27.12
CA ALA C 25 7.39 12.90 -27.79
C ALA C 25 6.62 13.61 -28.90
N SER C 26 6.44 12.90 -30.01
CA SER C 26 5.67 13.41 -31.14
C SER C 26 4.19 13.56 -30.75
N GLN C 27 3.58 12.45 -30.33
CA GLN C 27 2.23 12.45 -29.77
C GLN C 27 2.28 12.00 -28.30
N ASN C 28 1.20 12.21 -27.57
CA ASN C 28 1.14 11.92 -26.14
C ASN C 28 1.21 10.43 -25.79
N VAL C 29 2.06 10.11 -24.82
CA VAL C 29 2.22 8.74 -24.33
C VAL C 29 1.75 8.64 -22.87
N GLY C 30 1.98 9.73 -22.12
CA GLY C 30 1.54 9.83 -20.74
C GLY C 30 2.39 9.05 -19.77
N THR C 31 3.56 9.61 -19.43
CA THR C 31 4.48 9.05 -18.41
C THR C 31 5.06 7.67 -18.75
N ASN C 32 4.41 6.95 -19.66
CA ASN C 32 4.81 5.60 -20.04
C ASN C 32 6.12 5.59 -20.83
N VAL C 33 7.19 6.05 -20.19
CA VAL C 33 8.49 6.29 -20.81
C VAL C 33 9.56 5.38 -20.19
N ALA C 34 10.63 5.10 -20.93
CA ALA C 34 11.76 4.32 -20.42
C ALA C 34 13.09 4.77 -21.00
N TRP C 35 14.12 4.73 -20.15
CA TRP C 35 15.49 5.02 -20.55
C TRP C 35 16.34 3.79 -20.42
N TYR C 36 17.28 3.64 -21.35
CA TYR C 36 18.11 2.44 -21.40
C TYR C 36 19.59 2.78 -21.44
N GLN C 37 20.44 1.77 -21.32
CA GLN C 37 21.88 1.95 -21.41
C GLN C 37 22.49 0.89 -22.31
N GLN C 38 22.89 1.31 -23.51
CA GLN C 38 23.56 0.44 -24.46
C GLN C 38 25.07 0.52 -24.29
N LYS C 39 25.66 -0.56 -23.80
CA LYS C 39 27.11 -0.66 -23.68
C LYS C 39 27.72 -0.82 -25.08
N PRO C 40 28.91 -0.21 -25.31
CA PRO C 40 29.54 -0.30 -26.62
C PRO C 40 29.65 -1.75 -27.05
N GLY C 41 28.90 -2.11 -28.08
CA GLY C 41 28.88 -3.48 -28.60
C GLY C 41 28.25 -4.48 -27.65
N GLN C 42 27.31 -4.01 -26.85
CA GLN C 42 26.54 -4.88 -25.96
C GLN C 42 25.05 -4.53 -25.91
N SER C 43 24.26 -5.51 -25.51
CA SER C 43 22.82 -5.37 -25.35
C SER C 43 22.48 -4.23 -24.41
N PRO C 44 21.51 -3.38 -24.80
CA PRO C 44 21.01 -2.32 -23.93
C PRO C 44 20.54 -2.86 -22.57
N ASN C 45 21.14 -2.34 -21.51
CA ASN C 45 20.75 -2.67 -20.15
C ASN C 45 19.59 -1.79 -19.70
N ALA C 46 18.67 -2.38 -18.94
CA ALA C 46 17.53 -1.68 -18.36
C ALA C 46 18.01 -0.59 -17.42
N LEU C 47 17.67 0.66 -17.73
CA LEU C 47 18.07 1.77 -16.90
C LEU C 47 16.96 2.18 -15.93
N ILE C 48 16.04 3.02 -16.37
CA ILE C 48 14.92 3.48 -15.52
C ILE C 48 13.58 3.52 -16.25
N TYR C 49 12.49 3.43 -15.49
CA TYR C 49 11.15 3.48 -16.07
C TYR C 49 10.28 4.59 -15.48
N SER C 50 9.40 5.12 -16.32
CA SER C 50 8.46 6.18 -15.96
C SER C 50 9.14 7.46 -15.45
N ALA C 51 10.33 7.72 -16.01
CA ALA C 51 11.12 8.93 -15.74
C ALA C 51 11.13 9.33 -14.28
N SER C 52 11.24 8.33 -13.41
CA SER C 52 11.22 8.51 -11.97
C SER C 52 11.59 7.21 -11.27
N TYR C 53 10.85 6.15 -11.60
CA TYR C 53 11.01 4.88 -10.91
C TYR C 53 12.18 4.09 -11.50
N ARG C 54 13.12 3.74 -10.63
CA ARG C 54 14.35 3.05 -11.04
C ARG C 54 14.23 1.54 -10.87
N TYR C 55 14.91 0.79 -11.73
CA TYR C 55 14.91 -0.67 -11.64
C TYR C 55 15.74 -1.18 -10.45
N SER C 56 15.75 -2.51 -10.28
CA SER C 56 16.51 -3.15 -9.23
C SER C 56 18.01 -3.10 -9.54
N GLY C 57 18.80 -2.64 -8.58
CA GLY C 57 20.26 -2.58 -8.72
C GLY C 57 20.76 -1.48 -9.64
N VAL C 58 20.15 -0.29 -9.54
CA VAL C 58 20.56 0.86 -10.34
C VAL C 58 21.05 1.98 -9.43
N PRO C 59 22.27 2.48 -9.68
CA PRO C 59 22.90 3.57 -8.91
C PRO C 59 22.06 4.85 -8.83
N ASP C 60 22.34 5.65 -7.79
CA ASP C 60 21.57 6.85 -7.46
C ASP C 60 21.78 7.97 -8.45
N ARG C 61 22.83 7.85 -9.26
CA ARG C 61 23.23 8.88 -10.19
C ARG C 61 22.15 9.19 -11.25
N PHE C 62 21.39 8.16 -11.62
CA PHE C 62 20.39 8.27 -12.69
C PHE C 62 19.07 8.83 -12.18
N THR C 63 18.52 9.80 -12.90
CA THR C 63 17.29 10.48 -12.53
C THR C 63 16.50 10.92 -13.77
N GLY C 64 15.23 10.51 -13.83
CA GLY C 64 14.33 10.92 -14.92
C GLY C 64 13.45 12.09 -14.51
N SER C 65 12.87 12.76 -15.50
CA SER C 65 12.02 13.94 -15.26
C SER C 65 10.98 14.18 -16.38
N GLY C 66 10.01 15.06 -16.11
CA GLY C 66 9.00 15.43 -17.10
C GLY C 66 7.89 14.40 -17.27
N SER C 67 6.76 14.84 -17.81
CA SER C 67 5.62 13.94 -18.05
C SER C 67 4.75 14.37 -19.22
N GLY C 68 4.15 13.38 -19.88
CA GLY C 68 3.27 13.61 -21.02
C GLY C 68 4.01 13.56 -22.34
N THR C 69 4.29 14.75 -22.89
CA THR C 69 4.98 14.87 -24.17
C THR C 69 6.44 15.27 -24.00
N ASP C 70 6.80 15.73 -22.81
CA ASP C 70 8.15 16.22 -22.55
C ASP C 70 8.83 15.38 -21.47
N PHE C 71 9.99 14.82 -21.79
CA PHE C 71 10.77 14.01 -20.85
C PHE C 71 12.25 14.40 -20.84
N THR C 72 12.92 14.08 -19.74
CA THR C 72 14.33 14.45 -19.55
C THR C 72 15.06 13.41 -18.68
N LEU C 73 16.27 13.03 -19.09
CA LEU C 73 17.08 12.14 -18.28
C LEU C 73 18.36 12.85 -17.82
N THR C 74 18.57 12.88 -16.51
CA THR C 74 19.67 13.61 -15.91
C THR C 74 20.59 12.68 -15.14
N ILE C 75 21.86 13.07 -15.00
CA ILE C 75 22.85 12.24 -14.30
C ILE C 75 23.82 13.09 -13.47
N THR C 76 23.88 12.81 -12.17
CA THR C 76 24.64 13.63 -11.21
C THR C 76 26.15 13.47 -11.30
N ASN C 77 26.64 12.29 -10.90
CA ASN C 77 28.07 11.99 -10.92
C ASN C 77 28.36 10.89 -11.93
N VAL C 78 29.35 11.13 -12.80
CA VAL C 78 29.73 10.13 -13.80
C VAL C 78 31.11 9.54 -13.52
N GLN C 79 31.28 8.27 -13.86
CA GLN C 79 32.56 7.56 -13.71
C GLN C 79 33.03 7.04 -15.06
N SER C 80 34.23 6.45 -15.08
CA SER C 80 34.80 5.84 -16.29
C SER C 80 33.91 4.70 -16.80
N GLU C 81 33.22 4.05 -15.86
CA GLU C 81 32.32 2.94 -16.15
C GLU C 81 31.01 3.39 -16.82
N ASP C 82 30.58 4.62 -16.52
CA ASP C 82 29.29 5.13 -17.01
C ASP C 82 29.30 5.60 -18.47
N LEU C 83 30.46 5.48 -19.12
CA LEU C 83 30.63 5.81 -20.53
C LEU C 83 29.97 4.74 -21.41
N ALA C 84 28.94 5.13 -22.16
CA ALA C 84 28.21 4.22 -23.06
C ALA C 84 27.26 4.97 -23.99
N ASP C 85 26.06 4.43 -24.17
CA ASP C 85 25.01 5.06 -24.96
C ASP C 85 23.69 5.04 -24.19
N TYR C 86 22.80 5.97 -24.51
CA TYR C 86 21.48 6.04 -23.86
C TYR C 86 20.33 6.31 -24.84
N PHE C 87 19.29 5.49 -24.74
CA PHE C 87 18.17 5.52 -25.67
C PHE C 87 16.89 6.01 -25.00
N CYS C 88 15.83 6.16 -25.80
CA CYS C 88 14.56 6.66 -25.29
C CYS C 88 13.39 5.75 -25.70
N GLN C 89 12.35 5.71 -24.87
CA GLN C 89 11.22 4.79 -25.06
C GLN C 89 9.83 5.40 -24.81
N GLN C 90 8.80 4.74 -25.35
CA GLN C 90 7.39 5.00 -25.01
C GLN C 90 6.54 3.73 -25.16
N TYR C 91 5.69 3.46 -24.17
CA TYR C 91 4.89 2.23 -24.16
C TYR C 91 3.42 2.48 -23.81
N ASN C 92 2.67 3.00 -24.77
CA ASN C 92 1.24 3.22 -24.56
C ASN C 92 0.38 2.83 -25.75
N SER C 93 1.00 2.74 -26.92
CA SER C 93 0.30 2.42 -28.16
C SER C 93 1.15 1.52 -29.04
N TYR C 94 0.57 0.39 -29.45
CA TYR C 94 1.22 -0.50 -30.41
C TYR C 94 1.00 0.00 -31.82
N PRO C 95 2.05 -0.04 -32.66
CA PRO C 95 3.41 -0.48 -32.33
C PRO C 95 4.17 0.49 -31.44
N LEU C 96 4.99 -0.06 -30.53
CA LEU C 96 5.78 0.72 -29.60
C LEU C 96 7.05 1.26 -30.24
N THR C 97 7.42 2.48 -29.88
CA THR C 97 8.47 3.22 -30.60
C THR C 97 9.70 3.54 -29.75
N PHE C 98 10.86 3.57 -30.40
CA PHE C 98 12.15 3.82 -29.75
C PHE C 98 12.68 5.25 -29.97
N GLY C 99 13.71 5.39 -30.80
CA GLY C 99 14.34 6.68 -31.07
C GLY C 99 15.58 6.62 -31.95
N THR C 100 16.64 7.30 -31.51
CA THR C 100 17.87 7.46 -32.30
C THR C 100 19.13 7.12 -31.49
N GLY C 101 19.21 7.65 -30.27
CA GLY C 101 20.34 7.41 -29.39
C GLY C 101 21.13 8.66 -29.13
N THR C 102 21.76 8.72 -27.95
CA THR C 102 22.63 9.84 -27.58
C THR C 102 23.91 9.34 -26.90
N LYS C 103 24.99 9.31 -27.65
CA LYS C 103 26.28 8.90 -27.13
C LYS C 103 26.91 10.02 -26.31
N LEU C 104 27.99 9.67 -25.60
CA LEU C 104 28.76 10.62 -24.79
C LEU C 104 30.23 10.23 -24.70
N ASP C 105 31.09 11.21 -24.48
CA ASP C 105 32.52 10.96 -24.27
C ASP C 105 33.02 11.60 -22.98
N LEU C 106 33.79 10.84 -22.21
CA LEU C 106 34.38 11.35 -20.98
C LEU C 106 35.68 12.10 -21.25
N LYS C 107 35.82 13.27 -20.62
CA LYS C 107 37.00 14.10 -20.77
C LYS C 107 38.00 13.81 -19.66
N ARG C 108 39.24 13.51 -20.06
CA ARG C 108 40.30 13.15 -19.13
C ARG C 108 41.67 13.48 -19.72
N ALA C 109 42.71 12.90 -19.13
CA ALA C 109 44.07 13.04 -19.62
C ALA C 109 44.16 12.69 -21.11
N ASP C 110 44.63 13.65 -21.90
CA ASP C 110 44.79 13.49 -23.34
C ASP C 110 46.08 12.73 -23.66
N ALA C 111 46.01 11.85 -24.64
CA ALA C 111 47.13 10.97 -24.98
C ALA C 111 47.64 11.15 -26.40
N ALA C 112 48.91 10.78 -26.59
CA ALA C 112 49.54 10.73 -27.90
C ALA C 112 49.57 9.28 -28.41
N PRO C 113 49.21 9.07 -29.70
CA PRO C 113 49.08 7.73 -30.29
C PRO C 113 50.37 6.92 -30.30
N THR C 114 50.50 6.00 -29.35
CA THR C 114 51.68 5.15 -29.26
C THR C 114 51.70 4.18 -30.44
N VAL C 115 52.43 4.55 -31.49
CA VAL C 115 52.51 3.75 -32.72
C VAL C 115 53.63 2.71 -32.66
N SER C 116 53.33 1.53 -33.19
CA SER C 116 54.33 0.47 -33.32
C SER C 116 54.42 0.02 -34.77
N ILE C 117 55.65 -0.24 -35.21
CA ILE C 117 55.89 -0.78 -36.55
C ILE C 117 55.76 -2.30 -36.52
N PHE C 118 55.24 -2.84 -37.62
CA PHE C 118 55.09 -4.27 -37.77
C PHE C 118 55.53 -4.70 -39.17
N PRO C 119 56.57 -5.57 -39.26
CA PRO C 119 56.98 -6.16 -40.53
C PRO C 119 55.91 -7.11 -41.05
N PRO C 120 55.76 -7.23 -42.38
CA PRO C 120 54.74 -8.10 -42.98
C PRO C 120 54.86 -9.54 -42.50
N SER C 121 53.74 -10.26 -42.52
CA SER C 121 53.68 -11.66 -42.09
C SER C 121 54.62 -12.56 -42.88
N SER C 122 55.11 -13.61 -42.23
CA SER C 122 55.97 -14.59 -42.88
C SER C 122 55.19 -15.46 -43.85
N GLU C 123 53.87 -15.51 -43.66
CA GLU C 123 52.99 -16.26 -44.54
C GLU C 123 52.64 -15.48 -45.81
N GLN C 124 52.92 -14.18 -45.80
CA GLN C 124 52.65 -13.31 -46.94
C GLN C 124 53.53 -13.61 -48.15
N LEU C 125 54.67 -14.24 -47.91
CA LEU C 125 55.55 -14.67 -49.01
C LEU C 125 55.17 -16.06 -49.55
N THR C 126 54.13 -16.66 -48.97
CA THR C 126 53.61 -17.96 -49.40
C THR C 126 52.13 -17.91 -49.78
N SER C 127 51.63 -16.71 -50.09
CA SER C 127 50.22 -16.50 -50.43
C SER C 127 50.02 -15.53 -51.60
N GLY C 128 50.88 -14.52 -51.68
CA GLY C 128 50.82 -13.51 -52.73
C GLY C 128 50.18 -12.22 -52.27
N GLY C 129 51.00 -11.36 -51.66
CA GLY C 129 50.55 -10.07 -51.14
C GLY C 129 51.46 -9.50 -50.07
N ALA C 130 51.06 -8.37 -49.50
CA ALA C 130 51.83 -7.69 -48.46
C ALA C 130 50.92 -7.07 -47.39
N SER C 131 51.36 -7.10 -46.14
CA SER C 131 50.57 -6.59 -45.02
C SER C 131 51.41 -5.76 -44.05
N VAL C 132 51.56 -4.47 -44.35
CA VAL C 132 52.31 -3.56 -43.49
C VAL C 132 51.36 -2.72 -42.64
N VAL C 133 51.47 -2.90 -41.32
CA VAL C 133 50.60 -2.23 -40.39
C VAL C 133 51.36 -1.46 -39.31
N CYS C 134 50.83 -0.27 -39.00
CA CYS C 134 51.33 0.53 -37.90
C CYS C 134 50.18 0.76 -36.91
N PHE C 135 50.16 -0.08 -35.87
CA PHE C 135 49.11 -0.02 -34.86
C PHE C 135 49.31 1.16 -33.94
N LEU C 136 48.31 2.04 -33.91
CA LEU C 136 48.31 3.19 -33.02
C LEU C 136 47.14 3.11 -32.06
N ASN C 137 47.40 3.46 -30.80
CA ASN C 137 46.42 3.37 -29.74
C ASN C 137 46.58 4.45 -28.68
N ASN C 138 45.51 4.67 -27.91
CA ASN C 138 45.48 5.66 -26.84
C ASN C 138 45.84 7.07 -27.28
N PHE C 139 44.86 7.77 -27.85
CA PHE C 139 45.03 9.12 -28.39
C PHE C 139 43.74 9.94 -28.38
N TYR C 140 43.87 11.26 -28.54
CA TYR C 140 42.71 12.16 -28.55
C TYR C 140 42.98 13.39 -29.43
N PRO C 141 42.02 13.76 -30.31
CA PRO C 141 40.72 13.14 -30.55
C PRO C 141 40.74 12.08 -31.65
N LYS C 142 39.55 11.65 -32.08
CA LYS C 142 39.40 10.60 -33.09
C LYS C 142 39.87 11.02 -34.49
N ASP C 143 40.17 12.31 -34.66
CA ASP C 143 40.53 12.85 -35.95
C ASP C 143 42.05 12.87 -36.17
N ILE C 144 42.49 12.04 -37.12
CA ILE C 144 43.89 11.87 -37.45
C ILE C 144 44.04 11.59 -38.95
N ASN C 145 45.23 11.82 -39.49
CA ASN C 145 45.52 11.54 -40.88
C ASN C 145 46.70 10.58 -41.07
N VAL C 146 46.55 9.65 -42.00
CA VAL C 146 47.57 8.63 -42.26
C VAL C 146 48.42 9.01 -43.48
N LYS C 147 49.74 8.92 -43.31
CA LYS C 147 50.70 9.14 -44.39
C LYS C 147 51.78 8.07 -44.38
N TRP C 148 52.44 7.87 -45.53
CA TRP C 148 53.46 6.84 -45.69
C TRP C 148 54.74 7.33 -46.32
N LYS C 149 55.81 6.55 -46.16
CA LYS C 149 57.11 6.87 -46.75
C LYS C 149 57.87 5.59 -47.10
N ILE C 150 58.02 5.35 -48.40
CA ILE C 150 58.75 4.17 -48.91
C ILE C 150 59.90 4.62 -49.79
N ASP C 151 61.12 4.36 -49.33
CA ASP C 151 62.35 4.76 -50.02
C ASP C 151 62.42 6.27 -50.25
N GLY C 152 61.66 7.03 -49.46
CA GLY C 152 61.57 8.48 -49.60
C GLY C 152 60.26 8.92 -50.25
N SER C 153 59.66 8.03 -51.02
CA SER C 153 58.40 8.29 -51.72
C SER C 153 57.18 7.92 -50.86
N GLU C 154 56.04 7.64 -51.51
CA GLU C 154 54.82 7.20 -50.83
C GLU C 154 53.93 6.39 -51.76
N ARG C 155 53.10 5.53 -51.16
CA ARG C 155 52.08 4.78 -51.87
C ARG C 155 50.74 4.88 -51.14
N GLN C 156 49.66 4.95 -51.90
CA GLN C 156 48.29 4.93 -51.36
C GLN C 156 47.39 3.99 -52.18
N ASN C 157 47.94 2.82 -52.51
CA ASN C 157 47.23 1.80 -53.29
C ASN C 157 46.00 1.26 -52.55
N GLY C 158 46.19 0.84 -51.30
CA GLY C 158 45.11 0.29 -50.49
C GLY C 158 45.35 0.41 -49.00
N VAL C 159 45.35 1.64 -48.49
CA VAL C 159 45.50 1.89 -47.07
C VAL C 159 44.11 2.02 -46.44
N LEU C 160 43.61 0.93 -45.90
CA LEU C 160 42.32 0.93 -45.23
C LEU C 160 42.47 0.94 -43.71
N ASN C 161 41.94 1.99 -43.08
CA ASN C 161 42.06 2.19 -41.64
C ASN C 161 40.72 2.03 -40.94
N SER C 162 40.77 1.71 -39.65
CA SER C 162 39.56 1.61 -38.84
C SER C 162 39.82 2.07 -37.40
N TRP C 163 38.92 2.90 -36.88
CA TRP C 163 39.00 3.42 -35.52
C TRP C 163 38.19 2.57 -34.57
N THR C 164 38.72 2.35 -33.36
CA THR C 164 38.00 1.64 -32.30
C THR C 164 37.14 2.60 -31.49
N ASP C 165 36.09 2.06 -30.86
CA ASP C 165 35.31 2.81 -29.89
C ASP C 165 36.12 2.83 -28.60
N GLN C 166 36.37 4.04 -28.07
CA GLN C 166 37.25 4.23 -26.91
C GLN C 166 36.98 3.28 -25.74
N ASP C 167 38.06 2.77 -25.15
CA ASP C 167 37.98 1.83 -24.05
C ASP C 167 37.36 2.47 -22.82
N SER C 168 36.62 1.67 -22.05
CA SER C 168 35.86 2.14 -20.88
C SER C 168 36.72 2.34 -19.62
N LYS C 169 38.04 2.34 -19.81
CA LYS C 169 38.97 2.53 -18.69
C LYS C 169 39.99 3.63 -18.98
N ASP C 170 40.15 3.97 -20.26
CA ASP C 170 41.09 5.02 -20.68
C ASP C 170 40.45 6.09 -21.55
N SER C 171 39.29 5.75 -22.14
CA SER C 171 38.51 6.66 -23.00
C SER C 171 39.29 7.19 -24.21
N THR C 172 40.07 6.31 -24.83
CA THR C 172 40.90 6.66 -25.99
C THR C 172 40.74 5.66 -27.14
N TYR C 173 40.70 6.19 -28.37
CA TYR C 173 40.51 5.38 -29.56
C TYR C 173 41.79 4.66 -29.97
N SER C 174 41.69 3.81 -31.00
CA SER C 174 42.83 3.11 -31.59
C SER C 174 42.60 2.86 -33.08
N MET C 175 43.62 3.11 -33.89
CA MET C 175 43.54 2.89 -35.34
C MET C 175 44.61 1.92 -35.87
N SER C 176 44.23 1.17 -36.90
CA SER C 176 45.10 0.21 -37.57
C SER C 176 45.20 0.53 -39.06
N SER C 177 46.44 0.68 -39.55
CA SER C 177 46.69 1.02 -40.96
C SER C 177 47.00 -0.22 -41.81
N THR C 178 45.95 -0.84 -42.34
CA THR C 178 46.06 -2.07 -43.12
C THR C 178 46.42 -1.78 -44.58
N LEU C 179 47.41 -2.51 -45.09
CA LEU C 179 47.84 -2.41 -46.49
C LEU C 179 47.53 -3.68 -47.29
N THR C 180 47.23 -3.50 -48.56
CA THR C 180 46.93 -4.61 -49.48
C THR C 180 47.73 -4.51 -50.79
N LEU C 181 49.06 -4.54 -50.66
CA LEU C 181 49.97 -4.41 -51.80
C LEU C 181 50.30 -5.77 -52.44
N THR C 182 50.97 -5.72 -53.59
CA THR C 182 51.41 -6.93 -54.31
C THR C 182 52.72 -7.46 -53.74
N LYS C 183 53.29 -8.47 -54.39
CA LYS C 183 54.52 -9.11 -53.93
C LYS C 183 55.78 -8.53 -54.59
N ASP C 184 55.70 -8.30 -55.90
CA ASP C 184 56.85 -7.85 -56.70
C ASP C 184 57.32 -6.43 -56.35
N GLU C 185 56.39 -5.48 -56.30
CA GLU C 185 56.71 -4.09 -55.99
C GLU C 185 57.20 -3.92 -54.55
N TYR C 186 56.67 -4.76 -53.66
CA TYR C 186 57.06 -4.77 -52.25
C TYR C 186 58.55 -5.13 -52.07
N GLU C 187 58.98 -6.22 -52.72
CA GLU C 187 60.34 -6.73 -52.58
C GLU C 187 61.43 -5.76 -53.06
N ARG C 188 61.09 -4.99 -54.10
CA ARG C 188 62.03 -4.05 -54.72
C ARG C 188 62.50 -2.94 -53.78
N HIS C 189 61.54 -2.31 -53.09
CA HIS C 189 61.82 -1.22 -52.17
C HIS C 189 62.43 -1.72 -50.88
N ASN C 190 63.10 -0.82 -50.16
CA ASN C 190 63.79 -1.22 -48.94
C ASN C 190 63.18 -0.64 -47.67
N SER C 191 63.29 0.67 -47.50
CA SER C 191 62.87 1.35 -46.28
C SER C 191 61.36 1.54 -46.25
N TYR C 192 60.76 1.29 -45.09
CA TYR C 192 59.33 1.42 -44.91
C TYR C 192 58.99 2.20 -43.63
N THR C 193 58.28 3.32 -43.82
CA THR C 193 58.01 4.27 -42.75
C THR C 193 56.54 4.74 -42.83
N CYS C 194 55.88 4.88 -41.68
CA CYS C 194 54.49 5.34 -41.62
C CYS C 194 54.33 6.62 -40.82
N GLU C 195 53.76 7.64 -41.45
CA GLU C 195 53.66 8.96 -40.84
C GLU C 195 52.25 9.25 -40.33
N ALA C 196 52.18 9.89 -39.16
CA ALA C 196 50.91 10.15 -38.47
C ALA C 196 50.82 11.58 -37.93
N THR C 197 50.31 12.48 -38.77
CA THR C 197 50.19 13.90 -38.41
C THR C 197 48.99 14.14 -37.49
N HIS C 198 49.28 14.67 -36.30
CA HIS C 198 48.26 14.93 -35.29
C HIS C 198 48.57 16.16 -34.48
N LYS C 199 47.59 16.59 -33.68
CA LYS C 199 47.74 17.78 -32.81
C LYS C 199 48.73 17.57 -31.66
N THR C 200 48.91 16.31 -31.26
CA THR C 200 49.78 15.94 -30.14
C THR C 200 51.26 16.26 -30.37
N SER C 201 51.69 16.19 -31.63
CA SER C 201 53.06 16.53 -32.02
C SER C 201 53.07 17.20 -33.39
N THR C 202 53.87 18.27 -33.50
CA THR C 202 53.98 19.04 -34.75
C THR C 202 54.45 18.17 -35.92
N SER C 203 55.53 17.41 -35.71
CA SER C 203 56.04 16.50 -36.73
C SER C 203 55.43 15.09 -36.57
N PRO C 204 55.00 14.47 -37.68
CA PRO C 204 54.37 13.15 -37.64
C PRO C 204 55.28 12.09 -37.06
N ILE C 205 54.79 11.36 -36.06
CA ILE C 205 55.58 10.30 -35.43
C ILE C 205 55.59 9.07 -36.33
N VAL C 206 56.79 8.57 -36.59
CA VAL C 206 56.98 7.43 -37.47
C VAL C 206 57.69 6.29 -36.73
N LYS C 207 57.67 5.11 -37.35
CA LYS C 207 58.53 4.01 -36.91
C LYS C 207 58.87 3.19 -38.15
N SER C 208 60.16 3.10 -38.46
CA SER C 208 60.61 2.50 -39.71
C SER C 208 61.41 1.22 -39.50
N PHE C 209 61.32 0.32 -40.49
CA PHE C 209 62.10 -0.91 -40.50
C PHE C 209 62.78 -1.10 -41.85
N ASN C 210 63.97 -1.67 -41.82
CA ASN C 210 64.76 -1.91 -43.03
C ASN C 210 64.53 -3.31 -43.58
N ARG C 211 64.43 -3.40 -44.91
CA ARG C 211 64.26 -4.68 -45.59
C ARG C 211 65.49 -5.57 -45.42
N ASN C 212 66.65 -4.95 -45.24
CA ASN C 212 67.90 -5.65 -44.94
C ASN C 212 67.87 -6.26 -43.55
N GLU C 213 68.51 -7.43 -43.41
CA GLU C 213 68.57 -8.20 -42.15
C GLU C 213 67.23 -8.88 -41.79
N CYS C 214 66.17 -8.08 -41.68
CA CYS C 214 64.85 -8.59 -41.32
C CYS C 214 64.19 -9.30 -42.50
N VAL D 1 22.46 -18.84 -18.53
CA VAL D 1 21.77 -17.75 -19.27
C VAL D 1 20.29 -18.08 -19.47
N GLN D 2 19.43 -17.07 -19.31
CA GLN D 2 17.98 -17.25 -19.42
C GLN D 2 17.45 -17.06 -20.85
N LEU D 3 17.93 -16.02 -21.55
CA LEU D 3 17.56 -15.80 -22.95
C LEU D 3 18.72 -15.93 -23.93
N GLN D 4 19.02 -17.18 -24.28
CA GLN D 4 20.03 -17.48 -25.29
C GLN D 4 19.49 -17.14 -26.67
N GLN D 5 20.37 -17.19 -27.67
CA GLN D 5 19.97 -16.87 -29.03
C GLN D 5 20.79 -17.66 -30.06
N SER D 6 20.40 -17.56 -31.32
CA SER D 6 21.02 -18.33 -32.39
C SER D 6 22.28 -17.67 -32.94
N GLY D 7 22.95 -18.39 -33.85
CA GLY D 7 24.17 -17.92 -34.49
C GLY D 7 23.96 -16.80 -35.49
N ALA D 8 25.04 -16.06 -35.74
CA ALA D 8 25.01 -14.92 -36.64
C ALA D 8 25.38 -15.34 -38.06
N GLU D 9 24.55 -14.93 -39.02
CA GLU D 9 24.78 -15.27 -40.43
C GLU D 9 24.09 -14.31 -41.40
N LEU D 10 24.46 -14.41 -42.66
CA LEU D 10 23.91 -13.59 -43.74
C LEU D 10 23.16 -14.50 -44.72
N VAL D 11 22.27 -13.90 -45.51
CA VAL D 11 21.56 -14.63 -46.57
C VAL D 11 21.27 -13.73 -47.79
N LYS D 12 20.88 -14.35 -48.90
CA LYS D 12 20.53 -13.66 -50.14
C LYS D 12 19.22 -12.86 -50.04
N PRO D 13 19.11 -11.75 -50.80
CA PRO D 13 17.86 -11.00 -50.88
C PRO D 13 16.69 -11.85 -51.38
N GLY D 14 15.51 -11.65 -50.79
CA GLY D 14 14.29 -12.35 -51.19
C GLY D 14 14.26 -13.81 -50.75
N ALA D 15 14.67 -14.05 -49.50
CA ALA D 15 14.76 -15.42 -48.98
C ALA D 15 14.09 -15.56 -47.62
N SER D 16 14.57 -16.51 -46.81
CA SER D 16 13.99 -16.79 -45.50
C SER D 16 15.04 -17.21 -44.47
N VAL D 17 14.97 -16.61 -43.29
CA VAL D 17 15.87 -16.93 -42.20
C VAL D 17 15.12 -17.22 -40.88
N LYS D 18 15.40 -18.39 -40.32
CA LYS D 18 14.74 -18.85 -39.10
C LYS D 18 15.62 -18.67 -37.85
N LEU D 19 15.09 -17.94 -36.86
CA LEU D 19 15.82 -17.66 -35.61
C LEU D 19 15.36 -18.55 -34.47
N SER D 20 16.01 -18.40 -33.32
CA SER D 20 15.70 -19.21 -32.14
C SER D 20 15.87 -18.42 -30.86
N CYS D 21 15.07 -18.78 -29.86
CA CYS D 21 15.15 -18.17 -28.53
C CYS D 21 14.56 -19.08 -27.46
N LYS D 22 15.31 -19.24 -26.37
CA LYS D 22 14.93 -20.08 -25.24
C LYS D 22 14.86 -19.23 -23.97
N ALA D 23 14.07 -19.68 -22.98
CA ALA D 23 13.96 -19.02 -21.69
C ALA D 23 14.06 -20.00 -20.52
N SER D 24 14.15 -19.48 -19.29
CA SER D 24 14.23 -20.30 -18.07
C SER D 24 13.25 -19.86 -16.97
N GLY D 25 12.29 -20.73 -16.63
CA GLY D 25 11.32 -20.46 -15.58
C GLY D 25 9.90 -20.25 -16.10
N TYR D 26 8.95 -20.06 -15.18
CA TYR D 26 7.56 -19.75 -15.53
C TYR D 26 7.48 -18.39 -16.23
N THR D 27 8.56 -17.62 -16.11
CA THR D 27 8.70 -16.30 -16.73
C THR D 27 8.77 -16.41 -18.26
N PHE D 28 7.92 -17.29 -18.79
CA PHE D 28 7.81 -17.52 -20.22
C PHE D 28 6.32 -17.46 -20.58
N THR D 29 5.56 -18.39 -19.98
CA THR D 29 4.17 -18.62 -20.34
C THR D 29 3.29 -17.39 -20.11
N ASN D 30 3.61 -16.61 -19.07
CA ASN D 30 2.82 -15.44 -18.70
C ASN D 30 3.28 -14.16 -19.39
N TYR D 31 4.59 -14.01 -19.52
CA TYR D 31 5.18 -12.79 -20.04
C TYR D 31 5.11 -12.73 -21.57
N PHE D 32 4.89 -11.53 -22.10
CA PHE D 32 4.86 -11.29 -23.53
C PHE D 32 6.25 -11.16 -24.12
N ILE D 33 6.47 -11.83 -25.24
CA ILE D 33 7.77 -11.87 -25.92
C ILE D 33 7.85 -10.82 -27.04
N TYR D 34 9.02 -10.25 -27.23
CA TYR D 34 9.17 -9.16 -28.18
C TYR D 34 10.43 -9.32 -29.03
N TRP D 35 10.37 -8.83 -30.27
CA TRP D 35 11.49 -8.93 -31.20
C TRP D 35 11.82 -7.58 -31.74
N VAL D 36 13.12 -7.28 -31.77
CA VAL D 36 13.61 -5.98 -32.21
C VAL D 36 14.96 -6.15 -32.90
N LYS D 37 15.18 -5.41 -34.00
CA LYS D 37 16.46 -5.42 -34.70
C LYS D 37 17.22 -4.09 -34.58
N GLN D 38 18.54 -4.20 -34.41
CA GLN D 38 19.41 -3.05 -34.22
C GLN D 38 20.19 -2.78 -35.50
N ARG D 39 20.00 -1.56 -36.04
CA ARG D 39 20.51 -1.19 -37.35
C ARG D 39 22.01 -1.47 -37.61
N PRO D 40 22.92 -0.98 -36.73
CA PRO D 40 22.77 -0.13 -35.56
C PRO D 40 22.90 1.37 -35.89
N GLY D 41 23.13 1.66 -37.17
CA GLY D 41 23.34 3.02 -37.64
C GLY D 41 22.20 3.99 -37.39
N GLN D 42 21.01 3.62 -37.85
CA GLN D 42 19.83 4.49 -37.73
C GLN D 42 19.23 4.46 -36.32
N GLY D 43 18.97 3.25 -35.83
CA GLY D 43 18.38 3.08 -34.51
C GLY D 43 17.64 1.77 -34.38
N LEU D 44 16.70 1.75 -33.44
CA LEU D 44 15.97 0.54 -33.09
C LEU D 44 14.55 0.58 -33.60
N GLU D 45 14.08 -0.58 -34.04
CA GLU D 45 12.73 -0.75 -34.58
C GLU D 45 12.02 -1.94 -33.96
N TRP D 46 10.70 -1.79 -33.79
CA TRP D 46 9.88 -2.84 -33.21
C TRP D 46 9.22 -3.66 -34.28
N ILE D 47 9.27 -4.98 -34.11
CA ILE D 47 8.62 -5.91 -35.03
C ILE D 47 7.22 -6.25 -34.54
N GLY D 48 7.15 -6.80 -33.32
CA GLY D 48 5.88 -7.24 -32.75
C GLY D 48 5.98 -7.95 -31.42
N GLU D 49 4.82 -8.29 -30.87
CA GLU D 49 4.73 -9.04 -29.63
C GLU D 49 4.09 -10.39 -29.94
N ILE D 50 4.03 -11.29 -28.95
CA ILE D 50 3.38 -12.62 -29.10
C ILE D 50 3.07 -13.28 -27.74
N ASN D 51 1.80 -13.62 -27.52
CA ASN D 51 1.44 -14.33 -26.30
C ASN D 51 1.87 -15.79 -26.38
N PRO D 52 2.54 -16.29 -25.32
CA PRO D 52 2.97 -17.68 -25.24
C PRO D 52 1.83 -18.65 -24.96
N ARG D 53 0.87 -18.25 -24.11
CA ARG D 53 -0.27 -19.09 -23.77
C ARG D 53 -1.19 -19.31 -24.96
N ASN D 54 -1.70 -18.21 -25.51
CA ASN D 54 -2.67 -18.25 -26.60
C ASN D 54 -2.00 -18.44 -27.96
N GLY D 55 -1.41 -17.36 -28.47
CA GLY D 55 -0.77 -17.39 -29.78
C GLY D 55 -1.01 -16.08 -30.50
N ASP D 56 -1.90 -15.27 -29.93
CA ASP D 56 -2.24 -13.96 -30.50
C ASP D 56 -1.07 -12.99 -30.45
N THR D 57 -0.85 -12.29 -31.57
CA THR D 57 0.27 -11.37 -31.74
C THR D 57 -0.24 -9.92 -31.93
N ASP D 58 0.62 -9.07 -32.49
CA ASP D 58 0.23 -7.72 -32.91
C ASP D 58 1.46 -7.04 -33.49
N PHE D 59 1.79 -7.38 -34.74
CA PHE D 59 2.99 -6.88 -35.39
C PHE D 59 2.93 -5.39 -35.75
N ASN D 60 4.07 -4.85 -36.18
CA ASN D 60 4.12 -3.51 -36.72
C ASN D 60 3.64 -3.51 -38.18
N GLU D 61 2.85 -2.50 -38.54
CA GLU D 61 2.18 -2.44 -39.85
C GLU D 61 3.13 -2.20 -41.03
N LYS D 62 4.24 -1.51 -40.76
CA LYS D 62 5.24 -1.23 -41.79
C LYS D 62 6.09 -2.46 -42.14
N PHE D 63 6.28 -3.34 -41.16
CA PHE D 63 7.14 -4.52 -41.32
C PHE D 63 6.38 -5.80 -40.97
N GLU D 64 5.10 -5.84 -41.34
CA GLU D 64 4.22 -6.94 -41.03
C GLU D 64 4.49 -8.16 -41.92
N SER D 65 4.59 -7.92 -43.23
CA SER D 65 4.82 -8.99 -44.20
C SER D 65 6.18 -9.66 -44.01
N ARG D 66 7.19 -8.85 -43.71
CA ARG D 66 8.53 -9.36 -43.36
C ARG D 66 8.58 -9.78 -41.89
N ALA D 67 7.69 -10.71 -41.51
CA ALA D 67 7.55 -11.18 -40.15
C ALA D 67 6.65 -12.42 -40.05
N THR D 68 7.05 -13.37 -39.21
CA THR D 68 6.25 -14.57 -38.88
C THR D 68 6.68 -15.25 -37.57
N LEU D 69 5.79 -15.18 -36.56
CA LEU D 69 6.08 -15.70 -35.22
C LEU D 69 5.29 -16.95 -34.86
N THR D 70 6.02 -17.99 -34.44
CA THR D 70 5.42 -19.23 -33.96
C THR D 70 6.04 -19.67 -32.64
N VAL D 71 5.26 -19.57 -31.56
CA VAL D 71 5.72 -19.93 -30.23
C VAL D 71 5.36 -21.38 -29.87
N ASP D 72 6.36 -22.19 -29.54
CA ASP D 72 6.16 -23.59 -29.19
C ASP D 72 6.42 -23.85 -27.71
N LYS D 73 5.45 -24.47 -27.05
CA LYS D 73 5.54 -24.79 -25.61
C LYS D 73 6.42 -26.03 -25.35
N SER D 74 7.21 -26.41 -26.37
CA SER D 74 8.13 -27.52 -26.26
C SER D 74 9.04 -27.32 -25.07
N SER D 75 10.02 -26.43 -25.23
CA SER D 75 10.94 -26.10 -24.16
C SER D 75 11.16 -24.59 -24.11
N SER D 76 10.07 -23.88 -23.82
CA SER D 76 10.07 -22.41 -23.72
C SER D 76 10.74 -21.75 -24.92
N THR D 77 10.34 -22.18 -26.12
CA THR D 77 10.99 -21.80 -27.36
C THR D 77 10.20 -20.75 -28.14
N ALA D 78 10.91 -19.87 -28.84
CA ALA D 78 10.29 -18.82 -29.67
C ALA D 78 11.08 -18.58 -30.95
N TYR D 79 10.47 -18.85 -32.09
CA TYR D 79 11.14 -18.77 -33.39
C TYR D 79 10.61 -17.61 -34.22
N MET D 80 11.42 -17.15 -35.19
CA MET D 80 10.99 -16.11 -36.13
C MET D 80 11.65 -16.27 -37.51
N GLN D 81 10.85 -16.58 -38.52
CA GLN D 81 11.30 -16.62 -39.91
C GLN D 81 11.13 -15.26 -40.56
N LEU D 82 11.75 -15.07 -41.72
CA LEU D 82 11.59 -13.81 -42.45
C LEU D 82 11.10 -14.07 -43.87
N SER D 83 9.95 -13.47 -44.18
CA SER D 83 9.32 -13.64 -45.48
C SER D 83 9.90 -12.65 -46.50
N SER D 84 10.87 -13.13 -47.28
CA SER D 84 11.53 -12.36 -48.35
C SER D 84 12.36 -11.17 -47.84
N LEU D 85 13.67 -11.23 -48.10
CA LEU D 85 14.58 -10.15 -47.70
C LEU D 85 14.74 -9.09 -48.78
N THR D 86 15.43 -8.00 -48.44
CA THR D 86 15.68 -6.90 -49.38
C THR D 86 17.16 -6.53 -49.37
N SER D 87 17.53 -5.58 -48.51
CA SER D 87 18.90 -5.09 -48.35
C SER D 87 18.99 -4.25 -47.09
N GLU D 88 17.84 -3.80 -46.60
CA GLU D 88 17.73 -3.03 -45.37
C GLU D 88 17.53 -3.94 -44.15
N ASP D 89 17.37 -5.23 -44.41
CA ASP D 89 17.21 -6.24 -43.36
C ASP D 89 18.53 -6.49 -42.62
N SER D 90 19.56 -5.70 -42.97
CA SER D 90 20.87 -5.78 -42.32
C SER D 90 20.84 -5.15 -40.92
N ALA D 91 20.43 -5.96 -39.94
CA ALA D 91 20.34 -5.52 -38.55
C ALA D 91 20.44 -6.70 -37.61
N ILE D 92 21.04 -6.49 -36.43
CA ILE D 92 21.17 -7.55 -35.44
C ILE D 92 19.87 -7.67 -34.63
N TYR D 93 19.33 -8.89 -34.58
CA TYR D 93 18.03 -9.16 -33.94
C TYR D 93 18.14 -9.59 -32.48
N TYR D 94 17.17 -9.13 -31.68
CA TYR D 94 17.07 -9.49 -30.26
C TYR D 94 15.76 -10.19 -29.90
N CYS D 95 15.80 -10.92 -28.79
CA CYS D 95 14.64 -11.62 -28.26
C CYS D 95 14.42 -11.10 -26.85
N THR D 96 13.64 -10.02 -26.72
CA THR D 96 13.55 -9.29 -25.46
C THR D 96 12.45 -9.82 -24.53
N ARG D 97 12.37 -9.26 -23.32
CA ARG D 97 11.37 -9.64 -22.32
C ARG D 97 10.89 -8.38 -21.59
N SER D 98 9.76 -8.51 -20.89
CA SER D 98 9.23 -7.42 -20.07
C SER D 98 8.72 -7.94 -18.73
N PRO D 99 8.82 -7.11 -17.67
CA PRO D 99 8.57 -7.55 -16.29
C PRO D 99 7.09 -7.62 -15.88
N TYR D 100 6.29 -6.64 -16.32
CA TYR D 100 4.84 -6.70 -16.17
C TYR D 100 4.22 -7.14 -17.48
N GLY D 101 4.43 -8.41 -17.81
CA GLY D 101 3.84 -9.05 -18.99
C GLY D 101 4.15 -8.30 -20.27
N ASN D 102 3.26 -7.38 -20.63
CA ASN D 102 3.36 -6.67 -21.90
C ASN D 102 3.64 -5.17 -21.76
N ASN D 103 3.96 -4.73 -20.55
CA ASN D 103 4.23 -3.33 -20.30
C ASN D 103 5.37 -3.10 -19.31
N TYR D 104 5.66 -1.82 -19.06
CA TYR D 104 6.72 -1.39 -18.14
C TYR D 104 8.12 -1.77 -18.64
N GLY D 105 8.47 -1.29 -19.82
CA GLY D 105 9.84 -1.39 -20.34
C GLY D 105 10.33 -2.80 -20.68
N PHE D 106 11.63 -2.92 -20.92
CA PHE D 106 12.25 -4.16 -21.39
C PHE D 106 13.45 -4.60 -20.54
N THR D 107 13.17 -5.48 -19.58
CA THR D 107 14.18 -5.97 -18.64
C THR D 107 15.27 -6.83 -19.31
N TYR D 108 14.99 -8.12 -19.49
CA TYR D 108 15.94 -9.05 -20.09
C TYR D 108 16.00 -8.87 -21.62
N TRP D 109 17.16 -9.11 -22.20
CA TRP D 109 17.37 -9.01 -23.65
C TRP D 109 17.98 -10.26 -24.19
N GLY D 110 19.31 -10.33 -24.18
CA GLY D 110 20.03 -11.48 -24.69
C GLY D 110 21.22 -11.13 -25.56
N GLN D 111 22.04 -12.13 -25.84
CA GLN D 111 23.25 -11.98 -26.65
C GLN D 111 22.98 -11.38 -28.04
N GLY D 112 21.96 -11.90 -28.71
CA GLY D 112 21.60 -11.42 -30.04
C GLY D 112 22.11 -12.29 -31.18
N THR D 113 21.69 -11.95 -32.40
CA THR D 113 22.14 -12.63 -33.61
C THR D 113 22.23 -11.66 -34.78
N LEU D 114 23.44 -11.51 -35.33
CA LEU D 114 23.73 -10.56 -36.41
C LEU D 114 23.36 -11.12 -37.78
N VAL D 115 22.49 -10.39 -38.48
CA VAL D 115 22.03 -10.80 -39.81
C VAL D 115 22.23 -9.65 -40.81
N THR D 116 22.79 -9.99 -41.97
CA THR D 116 23.05 -9.03 -43.05
C THR D 116 22.55 -9.54 -44.40
N VAL D 117 22.44 -8.64 -45.38
CA VAL D 117 21.95 -8.99 -46.71
C VAL D 117 22.94 -8.55 -47.79
N SER D 118 23.48 -9.53 -48.52
CA SER D 118 24.41 -9.27 -49.64
C SER D 118 24.57 -10.48 -50.56
N ALA D 119 24.84 -11.64 -49.97
CA ALA D 119 25.07 -12.92 -50.68
C ALA D 119 26.31 -12.97 -51.59
N ALA D 120 27.39 -12.33 -51.17
CA ALA D 120 28.65 -12.34 -51.92
C ALA D 120 29.38 -13.68 -51.80
N LYS D 121 30.61 -13.74 -52.32
CA LYS D 121 31.41 -14.96 -52.29
C LYS D 121 31.95 -15.29 -50.89
N THR D 122 31.70 -16.52 -50.46
CA THR D 122 32.10 -17.01 -49.13
C THR D 122 33.60 -17.33 -49.09
N THR D 123 34.29 -16.86 -48.05
CA THR D 123 35.72 -17.11 -47.87
C THR D 123 36.08 -17.34 -46.39
N PRO D 124 36.73 -18.48 -46.09
CA PRO D 124 37.28 -18.73 -44.75
C PRO D 124 38.25 -17.63 -44.30
N PRO D 125 38.41 -17.43 -42.98
CA PRO D 125 39.25 -16.34 -42.46
C PRO D 125 40.75 -16.54 -42.70
N SER D 126 41.43 -15.44 -42.98
CA SER D 126 42.89 -15.46 -43.17
C SER D 126 43.59 -14.82 -41.98
N VAL D 127 44.45 -15.60 -41.31
CA VAL D 127 45.12 -15.15 -40.09
C VAL D 127 46.63 -15.02 -40.32
N TYR D 128 47.17 -13.86 -39.94
CA TYR D 128 48.60 -13.57 -40.10
C TYR D 128 49.18 -12.98 -38.81
N PRO D 129 50.35 -13.52 -38.37
CA PRO D 129 51.04 -13.04 -37.16
C PRO D 129 51.76 -11.70 -37.38
N LEU D 130 51.67 -10.81 -36.39
CA LEU D 130 52.36 -9.51 -36.42
C LEU D 130 53.15 -9.24 -35.14
N ALA D 131 54.45 -9.56 -35.20
CA ALA D 131 55.37 -9.35 -34.09
C ALA D 131 56.53 -8.45 -34.52
N PRO D 132 57.23 -7.81 -33.56
CA PRO D 132 58.41 -6.99 -33.88
C PRO D 132 59.60 -7.84 -34.35
N GLY D 133 60.66 -7.90 -33.54
CA GLY D 133 61.85 -8.68 -33.87
C GLY D 133 62.71 -8.09 -34.97
N CYS D 134 64.02 -8.12 -34.77
CA CYS D 134 65.01 -7.59 -35.72
C CYS D 134 65.16 -6.05 -35.65
N GLY D 135 64.07 -5.36 -35.31
CA GLY D 135 64.09 -3.90 -35.14
C GLY D 135 64.71 -3.46 -33.83
N ASP D 136 63.89 -2.94 -32.92
CA ASP D 136 64.36 -2.50 -31.60
C ASP D 136 63.77 -3.35 -30.46
N ALA D 137 62.44 -3.39 -30.36
CA ALA D 137 61.70 -4.16 -29.34
C ALA D 137 61.91 -3.70 -27.89
N ALA D 138 62.97 -2.95 -27.64
CA ALA D 138 63.30 -2.46 -26.30
C ALA D 138 62.35 -1.35 -25.85
N GLY D 139 61.88 -1.46 -24.61
CA GLY D 139 60.96 -0.48 -24.03
C GLY D 139 60.28 -0.96 -22.77
N SER D 140 59.17 -0.31 -22.41
CA SER D 140 58.43 -0.64 -21.19
C SER D 140 57.21 -1.52 -21.47
N SER D 141 56.50 -1.23 -22.55
CA SER D 141 55.32 -1.99 -22.96
C SER D 141 55.27 -2.18 -24.48
N VAL D 142 55.78 -3.32 -24.94
CA VAL D 142 55.77 -3.66 -26.36
C VAL D 142 54.44 -4.34 -26.73
N THR D 143 53.64 -3.62 -27.51
CA THR D 143 52.32 -4.09 -27.93
C THR D 143 52.40 -4.85 -29.25
N LEU D 144 51.53 -5.84 -29.41
CA LEU D 144 51.54 -6.69 -30.61
C LEU D 144 50.12 -6.87 -31.16
N GLY D 145 50.04 -7.14 -32.46
CA GLY D 145 48.76 -7.35 -33.14
C GLY D 145 48.66 -8.68 -33.87
N CYS D 146 47.45 -9.07 -34.23
CA CYS D 146 47.18 -10.24 -35.07
C CYS D 146 46.15 -9.87 -36.13
N LEU D 147 46.57 -9.92 -37.39
CA LEU D 147 45.70 -9.55 -38.52
C LEU D 147 44.79 -10.70 -38.92
N VAL D 148 43.49 -10.42 -38.97
CA VAL D 148 42.50 -11.40 -39.40
C VAL D 148 41.66 -10.81 -40.54
N LYS D 149 42.17 -10.90 -41.76
CA LYS D 149 41.46 -10.35 -42.91
C LYS D 149 40.95 -11.44 -43.84
N GLY D 150 40.36 -11.01 -44.96
CA GLY D 150 39.92 -11.91 -46.02
C GLY D 150 39.05 -13.05 -45.53
N TYR D 151 37.89 -12.71 -44.98
CA TYR D 151 36.98 -13.70 -44.45
C TYR D 151 35.53 -13.41 -44.82
N PHE D 152 34.69 -14.42 -44.67
CA PHE D 152 33.27 -14.33 -44.96
C PHE D 152 32.57 -15.58 -44.39
N PRO D 153 31.43 -15.40 -43.71
CA PRO D 153 30.69 -14.16 -43.37
C PRO D 153 31.26 -13.41 -42.17
N GLU D 154 30.40 -12.64 -41.48
CA GLU D 154 30.79 -11.82 -40.33
C GLU D 154 31.05 -12.65 -39.07
N SER D 155 30.82 -12.03 -37.90
CA SER D 155 31.00 -12.66 -36.59
C SER D 155 32.44 -13.16 -36.35
N VAL D 156 33.24 -12.32 -35.72
CA VAL D 156 34.65 -12.63 -35.44
C VAL D 156 35.09 -12.12 -34.07
N THR D 157 35.82 -12.96 -33.33
CA THR D 157 36.33 -12.62 -32.02
C THR D 157 37.73 -13.21 -31.80
N VAL D 158 38.65 -12.36 -31.38
CA VAL D 158 40.02 -12.78 -31.09
C VAL D 158 40.38 -12.45 -29.63
N THR D 159 40.89 -13.45 -28.92
CA THR D 159 41.32 -13.27 -27.52
C THR D 159 42.78 -13.69 -27.35
N TRP D 160 43.55 -12.86 -26.65
CA TRP D 160 44.97 -13.10 -26.42
C TRP D 160 45.20 -13.82 -25.12
N ASN D 161 45.79 -15.02 -25.23
CA ASN D 161 46.09 -15.88 -24.06
C ASN D 161 44.92 -16.07 -23.08
N SER D 162 43.70 -16.14 -23.63
CA SER D 162 42.46 -16.27 -22.85
C SER D 162 42.15 -15.08 -21.93
N GLY D 163 42.98 -14.04 -22.00
CA GLY D 163 42.80 -12.83 -21.20
C GLY D 163 43.91 -12.59 -20.19
N SER D 164 45.13 -12.38 -20.69
CA SER D 164 46.31 -12.16 -19.82
C SER D 164 46.34 -10.75 -19.23
N LEU D 165 45.99 -9.76 -20.04
CA LEU D 165 45.86 -8.36 -19.58
C LEU D 165 44.67 -7.70 -20.27
N SER D 166 43.51 -7.77 -19.62
CA SER D 166 42.23 -7.28 -20.17
C SER D 166 42.10 -5.77 -20.16
N SER D 167 43.01 -5.09 -19.46
CA SER D 167 43.03 -3.63 -19.41
C SER D 167 43.48 -3.03 -20.74
N SER D 168 42.74 -2.03 -21.20
CA SER D 168 42.95 -1.41 -22.52
C SER D 168 42.96 -2.46 -23.65
N VAL D 169 41.79 -3.03 -23.91
CA VAL D 169 41.60 -4.02 -24.98
C VAL D 169 41.26 -3.32 -26.30
N HIS D 170 41.65 -3.93 -27.41
CA HIS D 170 41.48 -3.32 -28.72
C HIS D 170 40.71 -4.20 -29.65
N THR D 171 39.75 -3.59 -30.36
CA THR D 171 38.90 -4.32 -31.31
C THR D 171 38.58 -3.45 -32.55
N PHE D 172 39.38 -3.64 -33.60
CA PHE D 172 39.29 -2.81 -34.81
C PHE D 172 38.23 -3.31 -35.77
N PRO D 173 37.24 -2.46 -36.08
CA PRO D 173 36.09 -2.81 -36.91
C PRO D 173 36.45 -3.38 -38.28
N ALA D 174 35.53 -4.18 -38.82
CA ALA D 174 35.71 -4.86 -40.11
C ALA D 174 35.56 -3.89 -41.28
N LEU D 175 36.45 -4.05 -42.26
CA LEU D 175 36.41 -3.26 -43.48
C LEU D 175 36.12 -4.15 -44.68
N LEU D 176 35.16 -3.71 -45.50
CA LEU D 176 34.73 -4.47 -46.67
C LEU D 176 35.78 -4.46 -47.77
N GLN D 177 36.57 -5.52 -47.84
CA GLN D 177 37.65 -5.60 -48.84
C GLN D 177 37.46 -6.79 -49.79
N SER D 178 37.26 -6.46 -51.06
CA SER D 178 37.11 -7.43 -52.17
C SER D 178 35.96 -8.42 -51.95
N GLY D 179 34.81 -7.92 -51.53
CA GLY D 179 33.66 -8.75 -51.22
C GLY D 179 33.80 -9.51 -49.92
N LEU D 180 34.92 -9.31 -49.23
CA LEU D 180 35.21 -9.96 -47.96
C LEU D 180 35.32 -8.92 -46.84
N TYR D 181 35.95 -9.30 -45.74
CA TYR D 181 36.12 -8.40 -44.61
C TYR D 181 37.58 -8.34 -44.15
N THR D 182 37.95 -7.20 -43.58
CA THR D 182 39.31 -6.99 -43.08
C THR D 182 39.28 -6.52 -41.63
N MET D 183 39.78 -7.38 -40.75
CA MET D 183 39.73 -7.14 -39.31
C MET D 183 41.10 -7.32 -38.67
N SER D 184 41.30 -6.61 -37.56
CA SER D 184 42.56 -6.66 -36.81
C SER D 184 42.32 -6.43 -35.32
N SER D 185 43.28 -6.83 -34.49
CA SER D 185 43.19 -6.65 -33.05
C SER D 185 44.56 -6.68 -32.39
N SER D 186 44.64 -6.07 -31.21
CA SER D 186 45.88 -6.00 -30.43
C SER D 186 45.59 -5.88 -28.93
N VAL D 187 46.65 -5.93 -28.14
CA VAL D 187 46.55 -5.72 -26.69
C VAL D 187 47.88 -5.20 -26.12
N THR D 188 47.82 -4.59 -24.94
CA THR D 188 49.00 -4.05 -24.27
C THR D 188 49.59 -5.02 -23.26
N VAL D 189 50.93 -5.16 -23.28
CA VAL D 189 51.66 -6.08 -22.41
C VAL D 189 53.04 -5.53 -22.04
N PRO D 190 53.41 -5.61 -20.74
CA PRO D 190 54.71 -5.12 -20.27
C PRO D 190 55.89 -5.87 -20.87
N SER D 191 56.96 -5.13 -21.16
CA SER D 191 58.18 -5.70 -21.71
C SER D 191 59.10 -6.19 -20.59
N SER D 192 58.55 -6.32 -19.39
CA SER D 192 59.28 -6.85 -18.23
C SER D 192 59.82 -8.24 -18.54
N THR D 193 58.94 -9.12 -19.03
CA THR D 193 59.34 -10.44 -19.48
C THR D 193 58.58 -10.79 -20.75
N TRP D 194 59.31 -10.82 -21.86
CA TRP D 194 58.73 -11.15 -23.17
C TRP D 194 59.41 -12.31 -23.86
N PRO D 195 60.76 -12.34 -23.90
CA PRO D 195 61.43 -13.43 -24.63
C PRO D 195 61.26 -14.81 -23.99
N SER D 196 60.54 -14.86 -22.86
CA SER D 196 60.32 -16.11 -22.13
C SER D 196 58.92 -16.67 -22.35
N GLN D 197 57.90 -15.90 -21.96
CA GLN D 197 56.51 -16.35 -22.04
C GLN D 197 56.00 -16.47 -23.47
N THR D 198 55.12 -17.45 -23.68
CA THR D 198 54.50 -17.70 -24.98
C THR D 198 53.18 -16.94 -25.09
N VAL D 199 52.96 -16.32 -26.24
CA VAL D 199 51.71 -15.61 -26.50
C VAL D 199 51.09 -16.04 -27.83
N THR D 200 49.85 -16.50 -27.75
CA THR D 200 49.08 -16.93 -28.92
C THR D 200 47.74 -16.21 -28.96
N CYS D 201 47.42 -15.65 -30.12
CA CYS D 201 46.13 -15.02 -30.34
C CYS D 201 45.11 -16.06 -30.82
N SER D 202 44.03 -16.22 -30.06
CA SER D 202 42.99 -17.19 -30.38
C SER D 202 41.90 -16.59 -31.27
N VAL D 203 41.86 -17.02 -32.53
CA VAL D 203 40.94 -16.45 -33.53
C VAL D 203 39.69 -17.30 -33.73
N ALA D 204 38.53 -16.68 -33.57
CA ALA D 204 37.24 -17.36 -33.77
C ALA D 204 36.47 -16.77 -34.94
N HIS D 205 35.90 -17.67 -35.75
CA HIS D 205 35.01 -17.29 -36.84
C HIS D 205 33.91 -18.31 -36.99
N PRO D 206 32.88 -18.24 -36.13
CA PRO D 206 31.80 -19.24 -36.07
C PRO D 206 30.89 -19.24 -37.29
N ALA D 207 31.00 -18.22 -38.13
CA ALA D 207 30.19 -18.13 -39.35
C ALA D 207 30.65 -19.11 -40.44
N SER D 208 31.94 -19.46 -40.43
CA SER D 208 32.48 -20.49 -41.32
C SER D 208 33.17 -21.60 -40.53
N SER D 209 33.22 -21.44 -39.20
CA SER D 209 33.81 -22.40 -38.26
C SER D 209 35.29 -22.74 -38.54
N THR D 210 36.16 -21.79 -38.23
CA THR D 210 37.60 -21.99 -38.39
C THR D 210 38.35 -21.38 -37.20
N THR D 211 39.38 -22.07 -36.74
CA THR D 211 40.15 -21.64 -35.58
C THR D 211 41.66 -21.77 -35.84
N VAL D 212 42.35 -20.64 -35.84
CA VAL D 212 43.81 -20.62 -36.02
C VAL D 212 44.47 -19.76 -34.93
N ASP D 213 45.35 -20.38 -34.16
CA ASP D 213 46.13 -19.69 -33.13
C ASP D 213 47.62 -19.88 -33.37
N LYS D 214 48.32 -18.78 -33.63
CA LYS D 214 49.73 -18.85 -33.93
C LYS D 214 50.59 -18.34 -32.77
N LYS D 215 51.78 -18.92 -32.63
CA LYS D 215 52.75 -18.53 -31.62
C LYS D 215 53.47 -17.25 -32.03
N LEU D 216 53.77 -16.40 -31.06
CA LEU D 216 54.43 -15.12 -31.33
C LEU D 216 55.80 -15.03 -30.64
N GLU D 217 56.83 -14.79 -31.45
CA GLU D 217 58.20 -14.53 -30.97
C GLU D 217 58.98 -13.68 -31.99
N PRO D 218 59.93 -12.86 -31.51
CA PRO D 218 60.77 -12.02 -32.39
C PRO D 218 61.60 -12.82 -33.39
N GLY E 6 18.95 -15.09 -7.19
CA GLY E 6 17.87 -14.70 -8.16
C GLY E 6 16.75 -15.73 -8.33
N ASP E 7 16.51 -16.53 -7.28
CA ASP E 7 15.47 -17.57 -7.29
C ASP E 7 14.07 -16.98 -7.39
N LEU E 8 13.54 -16.49 -6.27
CA LEU E 8 12.19 -15.93 -6.19
C LEU E 8 11.98 -14.83 -7.23
N GLN E 9 10.74 -14.70 -7.69
CA GLN E 9 10.41 -13.74 -8.75
C GLN E 9 9.24 -12.84 -8.37
N CYS E 10 8.81 -12.03 -9.32
CA CYS E 10 7.76 -11.05 -9.11
C CYS E 10 6.43 -11.76 -8.85
N LEU E 11 5.51 -11.05 -8.20
CA LEU E 11 4.21 -11.63 -7.83
C LEU E 11 3.06 -11.05 -8.65
N CYS E 12 3.39 -10.35 -9.73
CA CYS E 12 2.39 -9.75 -10.62
C CYS E 12 2.57 -10.14 -12.08
N VAL E 13 1.51 -9.98 -12.87
CA VAL E 13 1.56 -10.20 -14.33
C VAL E 13 1.09 -8.97 -15.12
N LYS E 14 -0.19 -8.62 -15.01
CA LYS E 14 -0.73 -7.47 -15.74
C LYS E 14 -1.61 -6.54 -14.89
N THR E 15 -1.67 -5.28 -15.30
CA THR E 15 -2.48 -4.25 -14.63
C THR E 15 -3.98 -4.54 -14.78
N THR E 16 -4.79 -3.94 -13.91
CA THR E 16 -6.23 -4.09 -13.96
C THR E 16 -6.93 -2.77 -14.30
N SER E 17 -7.82 -2.83 -15.29
CA SER E 17 -8.61 -1.67 -15.72
C SER E 17 -9.61 -1.25 -14.66
N GLN E 18 -10.60 -2.12 -14.42
CA GLN E 18 -11.63 -1.89 -13.43
C GLN E 18 -11.05 -1.82 -12.03
N VAL E 19 -11.27 -0.68 -11.39
CA VAL E 19 -10.76 -0.44 -10.05
C VAL E 19 -11.91 0.04 -9.15
N ARG E 20 -12.14 -0.69 -8.06
CA ARG E 20 -13.23 -0.40 -7.12
C ARG E 20 -12.68 0.23 -5.83
N PRO E 21 -12.76 1.58 -5.74
CA PRO E 21 -12.15 2.34 -4.64
C PRO E 21 -12.66 1.90 -3.26
N ARG E 22 -13.95 1.60 -3.17
CA ARG E 22 -14.57 1.19 -1.91
C ARG E 22 -14.93 -0.29 -1.95
N HIS E 23 -13.93 -1.14 -2.18
CA HIS E 23 -14.12 -2.58 -2.17
C HIS E 23 -12.85 -3.30 -1.81
N ILE E 24 -11.84 -2.54 -1.46
CA ILE E 24 -10.52 -3.08 -1.15
C ILE E 24 -10.15 -2.86 0.31
N THR E 25 -9.19 -3.67 0.78
CA THR E 25 -8.78 -3.65 2.17
C THR E 25 -7.31 -3.28 2.29
N SER E 26 -6.42 -4.23 1.97
CA SER E 26 -4.98 -4.02 2.06
C SER E 26 -4.43 -3.43 0.78
N LEU E 27 -3.24 -2.84 0.87
CA LEU E 27 -2.46 -2.51 -0.32
C LEU E 27 -0.97 -2.75 -0.10
N GLU E 28 -0.52 -3.94 -0.46
CA GLU E 28 0.87 -4.31 -0.33
C GLU E 28 1.68 -3.62 -1.42
N VAL E 29 2.50 -2.66 -1.01
CA VAL E 29 3.32 -1.92 -1.94
C VAL E 29 4.75 -2.41 -1.91
N ILE E 30 5.00 -3.49 -2.65
CA ILE E 30 6.30 -4.13 -2.62
C ILE E 30 7.25 -3.40 -3.57
N LYS E 31 8.24 -2.73 -2.99
CA LYS E 31 9.22 -1.99 -3.78
C LYS E 31 10.19 -2.94 -4.50
N ALA E 32 10.87 -2.40 -5.50
CA ALA E 32 11.86 -3.14 -6.26
C ALA E 32 12.82 -3.86 -5.33
N GLY E 33 13.20 -5.08 -5.70
CA GLY E 33 14.15 -5.86 -4.91
C GLY E 33 15.02 -6.76 -5.77
N PRO E 34 15.92 -7.52 -5.12
CA PRO E 34 16.72 -8.53 -5.83
C PRO E 34 15.86 -9.53 -6.62
N HIS E 35 14.69 -9.88 -6.09
CA HIS E 35 13.75 -10.75 -6.78
C HIS E 35 13.08 -10.06 -7.94
N CYS E 36 12.00 -9.32 -7.69
CA CYS E 36 11.30 -8.61 -8.75
C CYS E 36 12.02 -7.31 -9.10
N PRO E 37 12.42 -7.16 -10.37
CA PRO E 37 13.14 -5.96 -10.84
C PRO E 37 12.30 -4.68 -10.78
N THR E 38 11.01 -4.80 -10.45
CA THR E 38 10.15 -3.64 -10.35
C THR E 38 9.21 -3.66 -9.14
N ALA E 39 8.67 -2.49 -8.84
CA ALA E 39 7.78 -2.30 -7.71
C ALA E 39 6.41 -2.93 -7.94
N GLN E 40 5.67 -3.13 -6.85
CA GLN E 40 4.42 -3.83 -6.89
C GLN E 40 3.34 -3.16 -6.05
N LEU E 41 2.13 -3.25 -6.54
CA LEU E 41 0.98 -2.68 -5.89
C LEU E 41 -0.13 -3.70 -5.87
N ILE E 42 0.00 -4.66 -4.98
CA ILE E 42 -1.00 -5.67 -4.80
C ILE E 42 -2.04 -5.15 -3.81
N ALA E 43 -3.32 -5.31 -4.13
CA ALA E 43 -4.38 -4.99 -3.20
C ALA E 43 -5.20 -6.23 -2.90
N THR E 44 -5.75 -6.31 -1.69
CA THR E 44 -6.68 -7.38 -1.37
C THR E 44 -8.09 -6.81 -1.46
N LEU E 45 -8.96 -7.56 -2.12
CA LEU E 45 -10.36 -7.17 -2.30
C LEU E 45 -11.17 -7.51 -1.06
N LYS E 46 -12.44 -7.12 -1.07
CA LYS E 46 -13.37 -7.42 0.02
C LYS E 46 -13.62 -8.94 0.15
N ASN E 47 -13.64 -9.62 -0.99
CA ASN E 47 -13.83 -11.08 -1.03
C ASN E 47 -12.54 -11.88 -0.87
N GLY E 48 -11.40 -11.18 -0.86
CA GLY E 48 -10.09 -11.80 -0.67
C GLY E 48 -9.36 -12.19 -1.93
N ARG E 49 -9.43 -11.33 -2.95
CA ARG E 49 -8.84 -11.64 -4.25
C ARG E 49 -7.74 -10.65 -4.60
N LYS E 50 -6.50 -11.15 -4.67
CA LYS E 50 -5.31 -10.31 -4.84
C LYS E 50 -5.20 -9.84 -6.29
N ILE E 51 -4.98 -8.53 -6.47
CA ILE E 51 -4.80 -7.97 -7.82
C ILE E 51 -3.68 -6.95 -7.89
N CYS E 52 -3.11 -6.77 -9.08
CA CYS E 52 -2.04 -5.79 -9.27
C CYS E 52 -2.57 -4.52 -9.91
N LEU E 53 -1.93 -3.39 -9.64
CA LEU E 53 -2.36 -2.12 -10.19
C LEU E 53 -1.27 -1.38 -10.91
N ASP E 54 -1.59 -0.15 -11.33
CA ASP E 54 -0.66 0.74 -12.03
C ASP E 54 0.03 1.70 -11.07
N LEU E 55 1.24 2.09 -11.43
CA LEU E 55 2.05 2.97 -10.60
C LEU E 55 1.89 4.38 -11.11
N GLN E 56 2.23 4.56 -12.39
CA GLN E 56 2.34 5.86 -13.04
C GLN E 56 1.15 6.76 -12.73
N ALA E 57 -0.05 6.31 -13.09
CA ALA E 57 -1.26 7.07 -12.88
C ALA E 57 -1.52 7.35 -11.40
N PRO E 58 -2.17 8.50 -11.09
CA PRO E 58 -2.53 8.85 -9.71
C PRO E 58 -3.60 7.94 -9.10
N LEU E 59 -3.42 6.64 -9.30
CA LEU E 59 -4.33 5.65 -8.75
C LEU E 59 -4.34 5.76 -7.24
N TYR E 60 -3.22 5.40 -6.63
CA TYR E 60 -3.09 5.35 -5.18
C TYR E 60 -3.27 6.70 -4.51
N LYS E 61 -2.77 7.75 -5.18
CA LYS E 61 -2.90 9.13 -4.72
C LYS E 61 -4.33 9.42 -4.34
N LYS E 62 -5.24 8.70 -4.98
CA LYS E 62 -6.66 8.91 -4.85
C LYS E 62 -7.28 7.80 -4.02
N ILE E 63 -6.72 6.60 -4.16
CA ILE E 63 -7.25 5.40 -3.52
C ILE E 63 -7.04 5.45 -2.02
N ILE E 64 -5.96 6.08 -1.61
CA ILE E 64 -5.63 6.18 -0.20
C ILE E 64 -6.79 6.77 0.60
N LYS E 65 -7.28 7.93 0.15
CA LYS E 65 -8.41 8.63 0.77
C LYS E 65 -9.61 7.70 0.98
N LYS E 66 -9.94 6.96 -0.07
CA LYS E 66 -11.11 6.09 -0.07
C LYS E 66 -10.89 4.90 0.83
N LEU E 67 -9.65 4.72 1.28
CA LEU E 67 -9.36 3.67 2.25
C LEU E 67 -9.30 4.25 3.64
N LEU E 68 -8.72 5.44 3.76
CA LEU E 68 -8.53 6.06 5.06
C LEU E 68 -9.79 6.70 5.61
N GLU E 69 -10.59 7.28 4.72
CA GLU E 69 -11.86 7.85 5.12
C GLU E 69 -12.95 6.77 4.98
N SER E 70 -12.87 5.76 5.86
CA SER E 70 -13.72 4.54 5.82
C SER E 70 -13.76 3.87 4.44
N GLY F 6 -16.74 -9.50 16.71
CA GLY F 6 -15.39 -9.47 16.09
C GLY F 6 -14.33 -10.10 16.97
N ASP F 7 -13.95 -11.32 16.62
CA ASP F 7 -12.92 -12.07 17.36
C ASP F 7 -11.58 -11.34 17.34
N LEU F 8 -10.94 -11.36 16.18
CA LEU F 8 -9.59 -10.82 15.98
C LEU F 8 -9.54 -9.30 16.24
N GLN F 9 -8.31 -8.80 16.42
CA GLN F 9 -8.10 -7.40 16.78
C GLN F 9 -7.04 -6.76 15.92
N CYS F 10 -6.67 -5.52 16.26
CA CYS F 10 -5.69 -4.74 15.50
C CYS F 10 -4.29 -5.34 15.61
N LEU F 11 -3.41 -4.92 14.70
CA LEU F 11 -2.05 -5.42 14.65
C LEU F 11 -1.06 -4.35 15.11
N CYS F 12 -1.59 -3.22 15.56
CA CYS F 12 -0.76 -2.10 15.99
C CYS F 12 -1.04 -1.68 17.43
N VAL F 13 -0.03 -1.06 18.06
CA VAL F 13 -0.16 -0.55 19.43
C VAL F 13 0.08 0.96 19.45
N LYS F 14 1.24 1.40 18.97
CA LYS F 14 1.62 2.81 18.99
C LYS F 14 2.51 3.25 17.83
N THR F 15 2.39 4.53 17.49
CA THR F 15 3.17 5.15 16.42
C THR F 15 4.66 5.21 16.77
N THR F 16 5.51 5.26 15.75
CA THR F 16 6.96 5.37 15.93
C THR F 16 7.51 6.70 15.39
N SER F 17 8.40 7.31 16.16
CA SER F 17 8.98 8.62 15.83
C SER F 17 9.97 8.53 14.68
N GLN F 18 11.12 7.90 14.93
CA GLN F 18 12.20 7.78 13.94
C GLN F 18 11.73 7.01 12.72
N VAL F 19 11.68 7.71 11.60
CA VAL F 19 11.22 7.15 10.35
C VAL F 19 12.33 7.19 9.28
N ARG F 20 12.66 6.01 8.75
CA ARG F 20 13.70 5.86 7.74
C ARG F 20 13.07 5.66 6.36
N PRO F 21 13.14 6.70 5.50
CA PRO F 21 12.51 6.69 4.18
C PRO F 21 13.04 5.60 3.25
N ARG F 22 14.36 5.47 3.18
CA ARG F 22 15.00 4.49 2.31
C ARG F 22 15.61 3.36 3.13
N HIS F 23 14.76 2.65 3.87
CA HIS F 23 15.19 1.48 4.64
C HIS F 23 14.07 0.50 4.82
N ILE F 24 12.98 0.71 4.09
CA ILE F 24 11.81 -0.12 4.21
C ILE F 24 11.47 -0.78 2.88
N THR F 25 10.57 -1.75 2.93
CA THR F 25 10.21 -2.52 1.75
C THR F 25 8.70 -2.37 1.47
N SER F 26 7.90 -3.19 2.13
CA SER F 26 6.45 -3.23 1.94
C SER F 26 5.75 -2.26 2.88
N LEU F 27 4.52 -1.91 2.54
CA LEU F 27 3.70 -1.03 3.35
C LEU F 27 2.24 -1.49 3.32
N GLU F 28 1.90 -2.39 4.22
CA GLU F 28 0.54 -2.92 4.33
C GLU F 28 -0.37 -1.84 4.90
N VAL F 29 -1.21 -1.30 4.02
CA VAL F 29 -2.17 -0.27 4.40
C VAL F 29 -3.52 -0.97 4.60
N ILE F 30 -3.76 -1.39 5.84
CA ILE F 30 -4.97 -2.15 6.18
C ILE F 30 -6.05 -1.21 6.70
N LYS F 31 -7.09 -1.00 5.89
CA LYS F 31 -8.19 -0.10 6.26
C LYS F 31 -9.04 -0.64 7.41
N ALA F 32 -9.69 0.29 8.11
CA ALA F 32 -10.57 -0.06 9.23
C ALA F 32 -11.52 -1.20 8.83
N GLY F 33 -11.72 -2.15 9.72
CA GLY F 33 -12.57 -3.30 9.43
C GLY F 33 -13.43 -3.71 10.61
N PRO F 34 -14.13 -4.84 10.49
CA PRO F 34 -14.93 -5.36 11.60
C PRO F 34 -14.06 -5.65 12.84
N HIS F 35 -12.84 -6.15 12.60
CA HIS F 35 -11.90 -6.42 13.68
C HIS F 35 -11.37 -5.14 14.24
N CYS F 36 -10.41 -4.55 13.54
CA CYS F 36 -9.77 -3.33 14.00
C CYS F 36 -10.61 -2.10 13.69
N PRO F 37 -10.99 -1.35 14.73
CA PRO F 37 -11.85 -0.19 14.56
C PRO F 37 -11.20 0.95 13.80
N THR F 38 -9.92 0.81 13.48
CA THR F 38 -9.23 1.84 12.72
C THR F 38 -8.26 1.26 11.72
N ALA F 39 -7.86 2.08 10.75
CA ALA F 39 -6.88 1.70 9.74
C ALA F 39 -5.46 1.55 10.31
N GLN F 40 -4.60 0.85 9.58
CA GLN F 40 -3.23 0.61 10.02
C GLN F 40 -2.25 0.75 8.87
N LEU F 41 -1.04 1.22 9.19
CA LEU F 41 -0.02 1.49 8.16
C LEU F 41 1.25 0.72 8.49
N ILE F 42 1.19 -0.59 8.35
CA ILE F 42 2.30 -1.45 8.76
C ILE F 42 3.34 -1.55 7.64
N ALA F 43 4.60 -1.28 7.99
CA ALA F 43 5.73 -1.28 7.07
C ALA F 43 6.83 -2.27 7.48
N THR F 44 7.30 -3.05 6.51
CA THR F 44 8.37 -4.00 6.77
C THR F 44 9.71 -3.33 6.54
N LEU F 45 10.63 -3.51 7.48
CA LEU F 45 11.96 -2.94 7.38
C LEU F 45 12.84 -3.79 6.48
N LYS F 46 14.03 -3.27 6.17
CA LYS F 46 15.02 -3.98 5.34
C LYS F 46 15.49 -5.25 6.04
N ASN F 47 15.46 -5.24 7.37
CA ASN F 47 15.80 -6.39 8.19
C ASN F 47 14.57 -7.25 8.52
N GLY F 48 13.40 -6.79 8.09
CA GLY F 48 12.17 -7.55 8.22
C GLY F 48 11.45 -7.33 9.55
N ARG F 49 11.64 -6.14 10.13
CA ARG F 49 10.96 -5.77 11.37
C ARG F 49 9.82 -4.81 11.09
N LYS F 50 8.61 -5.28 11.30
CA LYS F 50 7.39 -4.54 10.95
C LYS F 50 7.09 -3.45 11.99
N ILE F 51 6.66 -2.28 11.51
CA ILE F 51 6.30 -1.16 12.40
C ILE F 51 5.08 -0.36 11.94
N CYS F 52 4.37 0.26 12.88
CA CYS F 52 3.23 1.10 12.53
C CYS F 52 3.64 2.57 12.52
N LEU F 53 3.00 3.37 11.65
CA LEU F 53 3.33 4.79 11.47
C LEU F 53 2.16 5.71 11.78
N ASP F 54 2.30 6.98 11.43
CA ASP F 54 1.22 7.94 11.60
C ASP F 54 0.42 8.13 10.33
N LEU F 55 -0.87 8.43 10.51
CA LEU F 55 -1.80 8.60 9.43
C LEU F 55 -1.92 10.08 9.09
N GLN F 56 -2.35 10.85 10.10
CA GLN F 56 -2.65 12.28 9.95
C GLN F 56 -1.56 13.01 9.16
N ALA F 57 -0.34 12.96 9.67
CA ALA F 57 0.80 13.63 9.06
C ALA F 57 1.07 13.11 7.63
N PRO F 58 1.58 13.98 6.76
CA PRO F 58 1.94 13.61 5.38
C PRO F 58 3.10 12.63 5.27
N LEU F 59 3.17 11.66 6.18
CA LEU F 59 4.23 10.66 6.17
C LEU F 59 4.21 9.90 4.87
N TYR F 60 3.16 9.12 4.66
CA TYR F 60 3.04 8.28 3.48
C TYR F 60 3.11 9.07 2.17
N LYS F 61 2.61 10.31 2.17
CA LYS F 61 2.66 11.18 1.00
C LYS F 61 4.09 11.30 0.47
N LYS F 62 5.04 11.21 1.40
CA LYS F 62 6.45 11.45 1.12
C LYS F 62 7.29 10.16 1.09
N ILE F 63 6.79 9.11 1.76
CA ILE F 63 7.47 7.82 1.82
C ILE F 63 7.34 7.07 0.51
N ILE F 64 6.16 7.15 -0.09
CA ILE F 64 5.89 6.50 -1.36
C ILE F 64 6.99 6.82 -2.39
N LYS F 65 7.25 8.11 -2.58
CA LYS F 65 8.30 8.63 -3.47
C LYS F 65 9.63 7.89 -3.31
N LYS F 66 10.03 7.73 -2.05
CA LYS F 66 11.31 7.12 -1.72
C LYS F 66 11.28 5.60 -1.91
N LEU F 67 10.08 5.04 -1.94
CA LEU F 67 9.90 3.60 -2.16
C LEU F 67 9.78 3.28 -3.64
N LEU F 68 9.20 4.22 -4.39
CA LEU F 68 9.00 4.04 -5.83
C LEU F 68 10.24 4.44 -6.64
N GLU F 69 10.79 5.60 -6.33
CA GLU F 69 12.02 6.05 -6.97
C GLU F 69 13.24 5.34 -6.35
N SER F 70 13.31 4.03 -6.53
CA SER F 70 14.37 3.15 -6.00
C SER F 70 14.70 3.41 -4.52
N ASP G 1 -4.97 21.73 29.54
CA ASP G 1 -6.20 22.57 29.54
C ASP G 1 -6.14 23.64 28.44
N ILE G 2 -6.76 23.34 27.31
CA ILE G 2 -6.85 24.24 26.16
C ILE G 2 -8.33 24.58 25.93
N GLN G 3 -9.15 23.53 25.86
CA GLN G 3 -10.61 23.60 25.68
C GLN G 3 -11.03 24.03 24.27
N MET G 4 -12.16 23.50 23.82
CA MET G 4 -12.58 23.71 22.44
C MET G 4 -13.88 24.51 22.33
N ILE G 5 -13.79 25.64 21.65
CA ILE G 5 -14.92 26.58 21.54
C ILE G 5 -15.92 26.10 20.50
N GLN G 6 -17.17 25.96 20.92
CA GLN G 6 -18.25 25.59 20.01
C GLN G 6 -19.29 26.71 19.95
N SER G 7 -19.28 27.41 18.83
CA SER G 7 -20.12 28.58 18.63
C SER G 7 -21.61 28.24 18.74
N GLN G 8 -22.03 27.20 18.03
CA GLN G 8 -23.41 26.75 18.09
C GLN G 8 -23.55 25.59 19.06
N LYS G 9 -24.59 25.67 19.89
CA LYS G 9 -24.85 24.66 20.92
C LYS G 9 -26.25 24.06 20.79
N PHE G 10 -27.20 24.86 20.31
CA PHE G 10 -28.58 24.43 20.12
C PHE G 10 -29.01 24.63 18.67
N MET G 11 -29.17 23.51 17.96
CA MET G 11 -29.50 23.56 16.53
C MET G 11 -30.76 22.77 16.19
N SER G 12 -31.25 22.95 14.96
CA SER G 12 -32.45 22.29 14.48
C SER G 12 -32.57 22.39 12.97
N THR G 13 -32.95 21.27 12.34
CA THR G 13 -33.06 21.19 10.88
C THR G 13 -34.13 20.20 10.42
N SER G 14 -34.40 20.18 9.12
CA SER G 14 -35.37 19.28 8.49
C SER G 14 -34.74 17.92 8.17
N VAL G 15 -35.41 17.11 7.35
CA VAL G 15 -34.96 15.75 7.03
C VAL G 15 -34.16 15.67 5.71
N GLY G 16 -32.84 15.58 5.83
CA GLY G 16 -31.93 15.51 4.70
C GLY G 16 -31.12 16.78 4.49
N ASP G 17 -30.81 17.47 5.59
CA ASP G 17 -30.18 18.80 5.55
C ASP G 17 -28.68 18.80 5.86
N ARG G 18 -27.99 19.83 5.38
CA ARG G 18 -26.58 20.03 5.68
C ARG G 18 -26.41 20.82 6.96
N VAL G 19 -25.55 20.29 7.84
CA VAL G 19 -25.26 20.94 9.12
C VAL G 19 -23.75 21.12 9.33
N THR G 20 -23.40 22.20 10.03
CA THR G 20 -22.01 22.54 10.31
C THR G 20 -21.77 22.75 11.80
N VAL G 21 -21.36 21.70 12.50
CA VAL G 21 -21.02 21.81 13.91
C VAL G 21 -19.72 22.59 14.04
N THR G 22 -19.84 23.87 14.38
CA THR G 22 -18.68 24.75 14.48
C THR G 22 -17.91 24.47 15.76
N CYS G 23 -16.64 24.14 15.58
CA CYS G 23 -15.72 23.90 16.69
C CYS G 23 -14.37 24.50 16.35
N LYS G 24 -13.98 25.52 17.10
CA LYS G 24 -12.70 26.19 16.91
C LYS G 24 -11.80 26.01 18.14
N ALA G 25 -10.50 25.83 17.88
CA ALA G 25 -9.55 25.54 18.94
C ALA G 25 -8.98 26.80 19.58
N SER G 26 -8.80 26.75 20.90
CA SER G 26 -8.15 27.82 21.63
C SER G 26 -6.67 27.89 21.22
N GLN G 27 -5.96 26.79 21.40
CA GLN G 27 -4.58 26.66 20.96
C GLN G 27 -4.46 25.59 19.89
N ASN G 28 -3.38 25.66 19.11
CA ASN G 28 -3.13 24.71 18.01
C ASN G 28 -2.95 23.26 18.48
N VAL G 29 -3.70 22.35 17.88
CA VAL G 29 -3.60 20.93 18.17
C VAL G 29 -2.89 20.19 17.03
N GLY G 30 -3.09 20.69 15.81
CA GLY G 30 -2.48 20.08 14.63
C GLY G 30 -3.18 18.79 14.23
N THR G 31 -4.37 18.94 13.63
CA THR G 31 -5.13 17.84 13.00
C THR G 31 -5.62 16.72 13.94
N ASN G 32 -5.03 16.61 15.12
CA ASN G 32 -5.42 15.60 16.10
C ASN G 32 -6.78 15.88 16.75
N VAL G 33 -7.82 15.86 15.90
CA VAL G 33 -9.16 16.25 16.29
C VAL G 33 -10.09 15.05 16.25
N ALA G 34 -11.12 15.06 17.08
CA ALA G 34 -12.07 13.94 17.19
C ALA G 34 -13.51 14.38 17.42
N TRP G 35 -14.43 13.78 16.65
CA TRP G 35 -15.86 14.00 16.80
C TRP G 35 -16.56 12.76 17.29
N TYR G 36 -17.70 12.94 17.96
CA TYR G 36 -18.42 11.84 18.59
C TYR G 36 -19.94 11.96 18.42
N GLN G 37 -20.66 10.90 18.77
CA GLN G 37 -22.11 10.94 18.79
C GLN G 37 -22.63 10.43 20.12
N GLN G 38 -23.31 11.30 20.87
CA GLN G 38 -23.94 10.91 22.12
C GLN G 38 -25.43 10.71 21.92
N LYS G 39 -25.87 9.45 21.99
CA LYS G 39 -27.28 9.13 21.92
C LYS G 39 -27.96 9.61 23.21
N PRO G 40 -29.15 10.24 23.08
CA PRO G 40 -29.87 10.75 24.24
C PRO G 40 -30.02 9.70 25.34
N GLY G 41 -29.37 9.95 26.47
CA GLY G 41 -29.38 9.03 27.59
C GLY G 41 -28.53 7.80 27.36
N GLN G 42 -27.43 7.97 26.62
CA GLN G 42 -26.50 6.88 26.35
C GLN G 42 -25.06 7.38 26.16
N SER G 43 -24.11 6.47 26.38
CA SER G 43 -22.70 6.76 26.16
C SER G 43 -22.45 7.18 24.71
N PRO G 44 -21.66 8.23 24.50
CA PRO G 44 -21.29 8.66 23.15
C PRO G 44 -20.51 7.60 22.39
N ASN G 45 -20.89 7.42 21.12
CA ASN G 45 -20.22 6.49 20.23
C ASN G 45 -19.10 7.18 19.48
N ALA G 46 -18.06 6.43 19.17
CA ALA G 46 -16.97 6.93 18.36
C ALA G 46 -17.46 7.24 16.95
N LEU G 47 -17.29 8.49 16.54
CA LEU G 47 -17.76 8.91 15.24
C LEU G 47 -16.63 8.85 14.23
N ILE G 48 -15.81 9.90 14.19
CA ILE G 48 -14.68 9.97 13.26
C ILE G 48 -13.42 10.45 13.96
N TYR G 49 -12.35 10.57 13.18
CA TYR G 49 -11.08 11.09 13.69
C TYR G 49 -10.28 11.83 12.63
N SER G 50 -9.52 12.82 13.09
CA SER G 50 -8.66 13.66 12.27
C SER G 50 -9.42 14.43 11.19
N ALA G 51 -10.66 14.81 11.51
CA ALA G 51 -11.54 15.60 10.64
C ALA G 51 -11.52 15.18 9.18
N SER G 52 -11.51 13.87 8.94
CA SER G 52 -11.40 13.31 7.60
C SER G 52 -11.62 11.81 7.66
N TYR G 53 -10.90 11.15 8.56
CA TYR G 53 -10.93 9.70 8.64
C TYR G 53 -12.04 9.26 9.55
N ARG G 54 -12.82 8.29 9.07
CA ARG G 54 -13.93 7.72 9.83
C ARG G 54 -13.54 6.37 10.39
N TYR G 55 -14.09 6.03 11.56
CA TYR G 55 -13.86 4.72 12.15
C TYR G 55 -14.60 3.63 11.38
N SER G 56 -14.33 2.38 11.72
CA SER G 56 -14.97 1.24 11.07
C SER G 56 -16.43 1.16 11.47
N GLY G 57 -17.29 1.10 10.45
CA GLY G 57 -18.73 1.02 10.66
C GLY G 57 -19.33 2.39 10.84
N VAL G 58 -19.02 3.29 9.91
CA VAL G 58 -19.59 4.62 9.94
C VAL G 58 -20.19 4.91 8.57
N PRO G 59 -21.47 5.30 8.56
CA PRO G 59 -22.13 5.69 7.32
C PRO G 59 -21.44 6.86 6.62
N ASP G 60 -21.69 6.97 5.32
CA ASP G 60 -21.01 7.94 4.46
C ASP G 60 -21.44 9.37 4.71
N ARG G 61 -22.55 9.55 5.43
CA ARG G 61 -23.14 10.88 5.65
C ARG G 61 -22.21 11.82 6.39
N PHE G 62 -21.39 11.28 7.29
CA PHE G 62 -20.52 12.10 8.13
C PHE G 62 -19.22 12.46 7.44
N THR G 63 -18.86 13.74 7.50
CA THR G 63 -17.63 14.25 6.89
C THR G 63 -17.05 15.40 7.73
N GLY G 64 -15.77 15.27 8.09
CA GLY G 64 -15.05 16.30 8.85
C GLY G 64 -14.23 17.18 7.94
N SER G 65 -13.79 18.34 8.47
CA SER G 65 -13.01 19.30 7.68
C SER G 65 -12.11 20.21 8.51
N GLY G 66 -11.21 20.91 7.84
CA GLY G 66 -10.30 21.88 8.45
C GLY G 66 -9.11 21.26 9.14
N SER G 67 -8.01 22.01 9.20
CA SER G 67 -6.79 21.54 9.86
C SER G 67 -6.10 22.63 10.69
N GLY G 68 -5.67 22.26 11.90
CA GLY G 68 -4.96 23.17 12.79
C GLY G 68 -5.75 23.71 13.98
N THR G 69 -6.26 24.93 13.83
CA THR G 69 -7.02 25.59 14.88
C THR G 69 -8.51 25.65 14.57
N ASP G 70 -8.85 25.42 13.31
CA ASP G 70 -10.23 25.52 12.85
C ASP G 70 -10.73 24.18 12.28
N PHE G 71 -11.91 23.76 12.75
CA PHE G 71 -12.49 22.48 12.35
C PHE G 71 -13.99 22.56 12.11
N THR G 72 -14.49 21.63 11.29
CA THR G 72 -15.89 21.61 10.87
C THR G 72 -16.37 20.19 10.64
N LEU G 73 -17.56 19.88 11.15
CA LEU G 73 -18.24 18.62 10.85
C LEU G 73 -19.55 18.85 10.10
N THR G 74 -19.70 18.16 8.98
CA THR G 74 -20.87 18.28 8.14
C THR G 74 -21.53 16.92 7.98
N ILE G 75 -22.85 16.95 7.75
CA ILE G 75 -23.63 15.75 7.48
C ILE G 75 -24.54 15.98 6.28
N THR G 76 -24.36 15.16 5.24
CA THR G 76 -25.08 15.31 3.97
C THR G 76 -26.57 15.03 4.09
N ASN G 77 -26.91 13.82 4.54
CA ASN G 77 -28.31 13.39 4.65
C ASN G 77 -28.60 12.83 6.04
N VAL G 78 -29.66 13.34 6.67
CA VAL G 78 -30.03 12.90 8.01
C VAL G 78 -31.30 12.08 8.05
N GLN G 79 -31.33 11.13 8.99
CA GLN G 79 -32.47 10.25 9.20
C GLN G 79 -33.02 10.48 10.61
N SER G 80 -34.21 9.96 10.86
CA SER G 80 -34.81 10.00 12.20
C SER G 80 -33.91 9.36 13.24
N GLU G 81 -33.05 8.44 12.80
CA GLU G 81 -32.12 7.71 13.64
C GLU G 81 -30.96 8.61 14.08
N ASP G 82 -30.65 9.58 13.23
CA ASP G 82 -29.47 10.42 13.40
C ASP G 82 -29.63 11.53 14.43
N LEU G 83 -30.79 11.60 15.08
CA LEU G 83 -31.01 12.61 16.11
C LEU G 83 -30.35 12.20 17.41
N ALA G 84 -29.42 13.03 17.87
CA ALA G 84 -28.68 12.80 19.11
C ALA G 84 -27.98 14.09 19.54
N ASP G 85 -26.71 13.96 19.92
CA ASP G 85 -25.87 15.10 20.28
C ASP G 85 -24.47 14.87 19.71
N TYR G 86 -23.77 15.96 19.41
CA TYR G 86 -22.46 15.87 18.77
C TYR G 86 -21.40 16.71 19.45
N PHE G 87 -20.30 16.04 19.82
CA PHE G 87 -19.24 16.62 20.62
C PHE G 87 -17.96 16.80 19.81
N CYS G 88 -17.04 17.62 20.35
CA CYS G 88 -15.77 17.94 19.70
C CYS G 88 -14.62 17.64 20.67
N GLN G 89 -13.48 17.21 20.14
CA GLN G 89 -12.38 16.76 20.99
C GLN G 89 -11.01 16.92 20.34
N GLN G 90 -9.99 17.19 21.16
CA GLN G 90 -8.60 17.32 20.68
C GLN G 90 -7.64 16.42 21.48
N TYR G 91 -6.66 15.86 20.78
CA TYR G 91 -5.73 14.91 21.41
C TYR G 91 -4.28 15.12 20.96
N ASN G 92 -3.61 16.10 21.59
CA ASN G 92 -2.22 16.40 21.27
C ASN G 92 -1.43 16.91 22.49
N SER G 93 -2.14 17.23 23.57
CA SER G 93 -1.48 17.74 24.79
C SER G 93 -2.28 17.43 26.04
N TYR G 94 -1.64 16.72 26.97
CA TYR G 94 -2.24 16.35 28.26
C TYR G 94 -2.22 17.51 29.24
N PRO G 95 -3.35 17.76 29.94
CA PRO G 95 -4.63 17.02 29.93
C PRO G 95 -5.51 17.25 28.69
N LEU G 96 -6.33 16.25 28.37
CA LEU G 96 -7.14 16.24 27.16
C LEU G 96 -8.43 17.01 27.35
N THR G 97 -8.81 17.77 26.32
CA THR G 97 -9.95 18.69 26.40
C THR G 97 -11.09 18.32 25.45
N PHE G 98 -12.31 18.45 25.95
CA PHE G 98 -13.52 18.14 25.17
C PHE G 98 -14.20 19.41 24.68
N GLY G 99 -15.31 19.76 25.30
CA GLY G 99 -16.05 20.96 24.92
C GLY G 99 -17.44 21.02 25.50
N THR G 100 -18.34 21.64 24.74
CA THR G 100 -19.68 21.93 25.19
C THR G 100 -20.71 20.96 24.59
N GLY G 101 -20.72 20.86 23.26
CA GLY G 101 -21.65 19.97 22.55
C GLY G 101 -22.68 20.73 21.76
N THR G 102 -23.24 20.09 20.74
CA THR G 102 -24.23 20.72 19.88
C THR G 102 -25.42 19.79 19.58
N LYS G 103 -26.55 20.10 20.21
CA LYS G 103 -27.79 19.36 20.01
C LYS G 103 -28.44 19.75 18.68
N LEU G 104 -29.45 18.99 18.30
CA LEU G 104 -30.20 19.24 17.08
C LEU G 104 -31.65 18.79 17.19
N ASP G 105 -32.51 19.36 16.35
CA ASP G 105 -33.92 19.03 16.35
C ASP G 105 -34.47 18.86 14.94
N LEU G 106 -35.29 17.83 14.75
CA LEU G 106 -35.90 17.56 13.45
C LEU G 106 -37.17 18.35 13.24
N LYS G 107 -37.30 18.93 12.05
CA LYS G 107 -38.53 19.60 11.66
C LYS G 107 -39.37 18.67 10.79
N ARG G 108 -40.51 18.26 11.34
CA ARG G 108 -41.42 17.33 10.68
C ARG G 108 -42.86 17.86 10.60
N ALA G 109 -43.73 17.06 9.99
CA ALA G 109 -45.14 17.43 9.81
C ALA G 109 -45.89 17.39 11.13
N ASP G 110 -46.97 18.16 11.18
CA ASP G 110 -47.80 18.23 12.37
C ASP G 110 -48.71 17.01 12.46
N ALA G 111 -48.69 16.37 13.62
CA ALA G 111 -49.54 15.21 13.89
C ALA G 111 -50.14 15.33 15.28
N ALA G 112 -51.41 14.98 15.38
CA ALA G 112 -52.18 15.06 16.64
C ALA G 112 -51.71 14.04 17.68
N PRO G 113 -51.77 14.40 18.97
CA PRO G 113 -51.35 13.47 20.02
C PRO G 113 -52.47 12.50 20.39
N THR G 114 -52.12 11.23 20.57
CA THR G 114 -53.09 10.27 21.04
C THR G 114 -52.99 10.22 22.56
N VAL G 115 -53.85 11.01 23.20
CA VAL G 115 -53.91 11.05 24.66
C VAL G 115 -54.84 9.96 25.18
N SER G 116 -54.40 9.31 26.26
CA SER G 116 -55.20 8.26 26.88
C SER G 116 -55.53 8.62 28.33
N ILE G 117 -56.71 8.20 28.76
CA ILE G 117 -57.14 8.42 30.13
C ILE G 117 -56.62 7.32 31.04
N PHE G 118 -56.23 7.69 32.26
CA PHE G 118 -55.79 6.72 33.25
C PHE G 118 -56.35 7.01 34.63
N PRO G 119 -57.21 6.12 35.13
CA PRO G 119 -57.73 6.23 36.48
C PRO G 119 -56.60 6.03 37.51
N PRO G 120 -56.63 6.78 38.64
CA PRO G 120 -55.62 6.66 39.68
C PRO G 120 -55.49 5.23 40.20
N SER G 121 -54.33 4.90 40.75
CA SER G 121 -54.04 3.55 41.21
C SER G 121 -55.00 3.07 42.29
N SER G 122 -55.27 1.76 42.27
CA SER G 122 -56.09 1.14 43.32
C SER G 122 -55.32 1.12 44.64
N GLU G 123 -54.01 1.33 44.55
CA GLU G 123 -53.15 1.46 45.73
C GLU G 123 -53.25 2.86 46.34
N GLN G 124 -53.75 3.80 45.56
CA GLN G 124 -53.88 5.20 46.02
C GLN G 124 -54.93 5.36 47.12
N LEU G 125 -55.85 4.40 47.19
CA LEU G 125 -56.84 4.36 48.26
C LEU G 125 -56.31 3.65 49.51
N THR G 126 -55.04 3.25 49.47
CA THR G 126 -54.37 2.59 50.61
C THR G 126 -53.04 3.25 50.98
N SER G 127 -52.86 4.51 50.57
CA SER G 127 -51.62 5.24 50.83
C SER G 127 -51.84 6.69 51.23
N GLY G 128 -52.88 7.31 50.65
CA GLY G 128 -53.20 8.70 50.90
C GLY G 128 -52.72 9.61 49.79
N GLY G 129 -53.54 9.76 48.75
CA GLY G 129 -53.20 10.59 47.60
C GLY G 129 -53.93 10.19 46.33
N ALA G 130 -53.73 10.98 45.28
CA ALA G 130 -54.39 10.74 43.99
C ALA G 130 -53.40 10.90 42.83
N SER G 131 -53.54 10.04 41.83
CA SER G 131 -52.65 10.06 40.67
C SER G 131 -53.41 9.95 39.35
N VAL G 132 -53.86 11.09 38.84
CA VAL G 132 -54.59 11.16 37.57
C VAL G 132 -53.63 11.59 36.47
N VAL G 133 -53.44 10.71 35.48
CA VAL G 133 -52.53 10.98 34.37
C VAL G 133 -53.19 10.85 33.01
N CYS G 134 -52.83 11.75 32.10
CA CYS G 134 -53.29 11.67 30.73
C CYS G 134 -52.08 11.57 29.80
N PHE G 135 -51.69 10.32 29.52
CA PHE G 135 -50.51 10.04 28.70
C PHE G 135 -50.77 10.39 27.24
N LEU G 136 -50.03 11.36 26.74
CA LEU G 136 -50.08 11.71 25.33
C LEU G 136 -48.73 11.47 24.69
N ASN G 137 -48.75 11.00 23.47
CA ASN G 137 -47.52 10.67 22.76
C ASN G 137 -47.67 10.91 21.27
N ASN G 138 -46.53 10.94 20.59
CA ASN G 138 -46.48 11.13 19.13
C ASN G 138 -47.23 12.38 18.65
N PHE G 139 -46.56 13.52 18.78
CA PHE G 139 -47.11 14.81 18.39
C PHE G 139 -45.98 15.77 18.03
N TYR G 140 -46.30 16.75 17.18
CA TYR G 140 -45.33 17.76 16.79
C TYR G 140 -46.01 19.13 16.74
N PRO G 141 -45.38 20.15 17.35
CA PRO G 141 -44.09 20.15 18.04
C PRO G 141 -44.17 19.92 19.55
N LYS G 142 -43.04 20.12 20.25
CA LYS G 142 -42.93 19.92 21.69
C LYS G 142 -43.69 20.96 22.50
N ASP G 143 -44.07 22.06 21.84
CA ASP G 143 -44.77 23.16 22.49
C ASP G 143 -46.27 22.88 22.56
N ILE G 144 -46.76 22.66 23.77
CA ILE G 144 -48.17 22.30 24.02
C ILE G 144 -48.60 22.69 25.45
N ASN G 145 -49.89 22.96 25.63
CA ASN G 145 -50.42 23.43 26.91
C ASN G 145 -51.45 22.50 27.56
N VAL G 146 -51.20 22.18 28.83
CA VAL G 146 -52.04 21.26 29.61
C VAL G 146 -53.21 22.01 30.22
N LYS G 147 -54.41 21.44 30.08
CA LYS G 147 -55.60 21.97 30.72
C LYS G 147 -56.41 20.85 31.38
N TRP G 148 -57.24 21.21 32.35
CA TRP G 148 -58.03 20.25 33.11
C TRP G 148 -59.44 20.70 33.34
N LYS G 149 -60.32 19.74 33.57
CA LYS G 149 -61.72 20.02 33.84
C LYS G 149 -62.28 19.01 34.85
N ILE G 150 -62.59 19.50 36.05
CA ILE G 150 -63.17 18.69 37.10
C ILE G 150 -64.59 19.13 37.39
N ASP G 151 -65.55 18.31 36.98
CA ASP G 151 -66.99 18.58 37.15
C ASP G 151 -67.49 19.75 36.31
N GLY G 152 -66.57 20.57 35.80
CA GLY G 152 -66.89 21.78 35.04
C GLY G 152 -65.91 22.91 35.28
N SER G 153 -65.22 22.86 36.41
CA SER G 153 -64.25 23.88 36.80
C SER G 153 -62.83 23.48 36.35
N GLU G 154 -61.83 23.82 37.17
CA GLU G 154 -60.44 23.48 36.89
C GLU G 154 -59.59 23.58 38.16
N ARG G 155 -58.63 22.66 38.29
CA ARG G 155 -57.67 22.67 39.39
C ARG G 155 -56.25 22.68 38.83
N GLN G 156 -55.33 23.32 39.56
CA GLN G 156 -53.92 23.36 39.18
C GLN G 156 -53.01 23.28 40.40
N ASN G 157 -53.29 22.32 41.27
CA ASN G 157 -52.56 22.12 42.52
C ASN G 157 -51.14 21.62 42.29
N GLY G 158 -51.02 20.47 41.63
CA GLY G 158 -49.73 19.87 41.33
C GLY G 158 -49.76 19.10 40.03
N VAL G 159 -49.96 19.82 38.94
CA VAL G 159 -49.93 19.23 37.61
C VAL G 159 -48.49 19.33 37.11
N LEU G 160 -47.76 18.23 37.22
CA LEU G 160 -46.37 18.22 36.79
C LEU G 160 -46.18 17.39 35.53
N ASN G 161 -45.59 18.00 34.52
CA ASN G 161 -45.49 17.40 33.18
C ASN G 161 -44.05 17.37 32.67
N SER G 162 -43.75 16.37 31.83
CA SER G 162 -42.41 16.21 31.28
C SER G 162 -42.43 15.64 29.86
N TRP G 163 -41.55 16.18 29.03
CA TRP G 163 -41.45 15.79 27.63
C TRP G 163 -40.33 14.81 27.40
N THR G 164 -40.58 13.81 26.57
CA THR G 164 -39.55 12.84 26.18
C THR G 164 -38.73 13.37 25.02
N ASP G 165 -37.48 12.94 24.94
CA ASP G 165 -36.67 13.19 23.77
C ASP G 165 -37.14 12.24 22.67
N GLN G 166 -37.56 12.82 21.54
CA GLN G 166 -38.23 12.10 20.46
C GLN G 166 -37.54 10.80 20.04
N ASP G 167 -38.35 9.78 19.77
CA ASP G 167 -37.87 8.46 19.38
C ASP G 167 -37.08 8.53 18.06
N SER G 168 -36.02 7.73 18.00
CA SER G 168 -35.13 7.71 16.84
C SER G 168 -35.77 7.03 15.62
N LYS G 169 -37.07 6.77 15.69
CA LYS G 169 -37.78 6.09 14.62
C LYS G 169 -38.99 6.86 14.08
N ASP G 170 -39.62 7.64 14.96
CA ASP G 170 -40.81 8.42 14.57
C ASP G 170 -40.59 9.92 14.69
N SER G 171 -39.60 10.32 15.49
CA SER G 171 -39.23 11.73 15.67
C SER G 171 -40.33 12.57 16.30
N THR G 172 -40.98 12.01 17.33
CA THR G 172 -42.07 12.68 18.03
C THR G 172 -41.97 12.52 19.55
N TYR G 173 -42.28 13.60 20.26
CA TYR G 173 -42.18 13.64 21.71
C TYR G 173 -43.38 12.97 22.37
N SER G 174 -43.33 12.88 23.70
CA SER G 174 -44.40 12.28 24.50
C SER G 174 -44.41 12.93 25.88
N MET G 175 -45.59 13.29 26.37
CA MET G 175 -45.69 13.94 27.68
C MET G 175 -46.70 13.26 28.59
N SER G 176 -46.40 13.24 29.88
CA SER G 176 -47.30 12.67 30.88
C SER G 176 -47.75 13.75 31.85
N SER G 177 -49.04 13.79 32.13
CA SER G 177 -49.60 14.80 33.02
C SER G 177 -49.90 14.22 34.40
N THR G 178 -48.95 14.34 35.31
CA THR G 178 -49.07 13.73 36.64
C THR G 178 -49.67 14.70 37.65
N LEU G 179 -50.51 14.18 38.54
CA LEU G 179 -51.16 14.97 39.60
C LEU G 179 -50.79 14.46 40.99
N THR G 180 -50.78 15.39 41.95
CA THR G 180 -50.49 15.07 43.35
C THR G 180 -51.57 15.63 44.29
N LEU G 181 -52.80 15.16 44.08
CA LEU G 181 -53.96 15.61 44.85
C LEU G 181 -54.15 14.85 46.17
N THR G 182 -55.02 15.38 47.01
CA THR G 182 -55.40 14.73 48.26
C THR G 182 -56.44 13.64 48.02
N LYS G 183 -56.89 13.02 49.11
CA LYS G 183 -57.82 11.90 49.05
C LYS G 183 -59.26 12.36 49.23
N ASP G 184 -59.47 13.27 50.20
CA ASP G 184 -60.80 13.73 50.58
C ASP G 184 -61.50 14.53 49.47
N GLU G 185 -60.79 15.49 48.90
CA GLU G 185 -61.32 16.33 47.83
C GLU G 185 -61.55 15.51 46.56
N TYR G 186 -60.67 14.54 46.34
CA TYR G 186 -60.75 13.65 45.19
C TYR G 186 -62.05 12.84 45.18
N GLU G 187 -62.39 12.27 46.32
CA GLU G 187 -63.55 11.37 46.42
C GLU G 187 -64.87 12.08 46.22
N ARG G 188 -64.94 13.34 46.65
CA ARG G 188 -66.15 14.13 46.56
C ARG G 188 -66.56 14.38 45.11
N HIS G 189 -65.58 14.71 44.28
CA HIS G 189 -65.84 15.05 42.88
C HIS G 189 -66.08 13.82 42.04
N ASN G 190 -66.69 14.04 40.88
CA ASN G 190 -67.14 12.96 40.00
C ASN G 190 -66.38 12.88 38.66
N SER G 191 -66.69 13.80 37.74
CA SER G 191 -66.14 13.78 36.39
C SER G 191 -64.70 14.30 36.34
N TYR G 192 -63.82 13.55 35.67
CA TYR G 192 -62.42 13.96 35.50
C TYR G 192 -62.02 13.98 34.03
N THR G 193 -61.59 15.14 33.58
CA THR G 193 -61.26 15.37 32.17
C THR G 193 -60.00 16.21 32.03
N CYS G 194 -59.21 15.93 30.99
CA CYS G 194 -57.99 16.67 30.70
C CYS G 194 -58.05 17.30 29.30
N GLU G 195 -57.89 18.62 29.26
CA GLU G 195 -57.89 19.41 28.01
C GLU G 195 -56.48 19.65 27.47
N ALA G 196 -56.33 19.51 26.16
CA ALA G 196 -55.04 19.69 25.51
C ALA G 196 -55.18 20.50 24.25
N THR G 197 -54.85 21.79 24.35
CA THR G 197 -54.91 22.67 23.21
C THR G 197 -53.64 22.55 22.39
N HIS G 198 -53.80 22.34 21.08
CA HIS G 198 -52.67 22.23 20.17
C HIS G 198 -53.00 22.84 18.85
N LYS G 199 -51.98 23.01 18.01
CA LYS G 199 -52.16 23.53 16.64
C LYS G 199 -52.82 22.48 15.76
N THR G 200 -52.64 21.21 16.11
CA THR G 200 -53.19 20.09 15.35
C THR G 200 -54.72 20.07 15.34
N SER G 201 -55.32 20.62 16.40
CA SER G 201 -56.78 20.70 16.48
C SER G 201 -57.25 22.00 17.12
N THR G 202 -58.27 22.61 16.50
CA THR G 202 -58.89 23.84 17.02
C THR G 202 -59.42 23.66 18.44
N SER G 203 -60.20 22.59 18.64
CA SER G 203 -60.72 22.23 19.95
C SER G 203 -59.79 21.25 20.66
N PRO G 204 -59.58 21.45 21.98
CA PRO G 204 -58.70 20.56 22.74
C PRO G 204 -59.27 19.16 22.81
N ILE G 205 -58.41 18.17 22.59
CA ILE G 205 -58.83 16.79 22.64
C ILE G 205 -58.85 16.34 24.10
N VAL G 206 -59.88 15.57 24.44
CA VAL G 206 -60.16 15.20 25.81
C VAL G 206 -60.65 13.77 25.93
N LYS G 207 -60.28 13.12 27.03
CA LYS G 207 -60.85 11.83 27.38
C LYS G 207 -61.22 11.87 28.86
N SER G 208 -62.39 11.35 29.18
CA SER G 208 -62.94 11.48 30.53
C SER G 208 -63.53 10.18 31.08
N PHE G 209 -63.40 10.02 32.40
CA PHE G 209 -63.93 8.86 33.11
C PHE G 209 -64.77 9.29 34.30
N ASN G 210 -65.72 8.43 34.66
CA ASN G 210 -66.63 8.67 35.78
C ASN G 210 -66.18 7.92 37.03
N ARG G 211 -66.02 8.65 38.12
CA ARG G 211 -65.49 8.11 39.38
C ARG G 211 -66.47 7.13 40.03
N ASN G 212 -67.76 7.35 39.79
CA ASN G 212 -68.81 6.50 40.35
C ASN G 212 -69.05 5.19 39.60
N GLU G 213 -68.27 4.98 38.53
CA GLU G 213 -68.33 3.72 37.76
C GLU G 213 -67.00 2.98 37.80
N CYS G 214 -65.91 3.75 37.72
CA CYS G 214 -64.56 3.19 37.68
C CYS G 214 -63.76 3.61 38.90
N VAL H 1 -20.33 -7.78 28.64
CA VAL H 1 -19.67 -6.77 27.76
C VAL H 1 -18.15 -6.77 27.96
N GLN H 2 -17.44 -6.04 27.09
CA GLN H 2 -15.99 -5.85 27.24
C GLN H 2 -15.64 -4.79 28.28
N LEU H 3 -16.45 -3.73 28.35
CA LEU H 3 -16.25 -2.64 29.33
C LEU H 3 -17.43 -2.38 30.27
N GLN H 4 -17.57 -3.25 31.27
CA GLN H 4 -18.61 -3.13 32.30
C GLN H 4 -18.23 -2.06 33.33
N GLN H 5 -19.13 -1.83 34.29
CA GLN H 5 -18.94 -0.80 35.33
C GLN H 5 -19.72 -1.11 36.61
N SER H 6 -19.49 -0.33 37.67
CA SER H 6 -20.19 -0.48 38.94
C SER H 6 -21.55 0.24 38.91
N GLY H 7 -22.34 0.06 39.97
CA GLY H 7 -23.67 0.66 40.07
C GLY H 7 -23.67 2.14 40.43
N ALA H 8 -24.84 2.77 40.26
CA ALA H 8 -25.00 4.22 40.49
C ALA H 8 -25.44 4.56 41.92
N GLU H 9 -24.85 5.62 42.50
CA GLU H 9 -25.09 5.99 43.90
C GLU H 9 -24.72 7.44 44.27
N LEU H 10 -25.23 7.90 45.42
CA LEU H 10 -24.92 9.22 45.98
C LEU H 10 -24.20 9.07 47.32
N VAL H 11 -23.37 10.06 47.67
CA VAL H 11 -22.71 10.08 48.98
C VAL H 11 -22.59 11.51 49.53
N LYS H 12 -22.23 11.60 50.82
CA LYS H 12 -22.02 12.86 51.53
C LYS H 12 -20.77 13.61 51.04
N PRO H 13 -20.80 14.95 51.09
CA PRO H 13 -19.63 15.76 50.75
C PRO H 13 -18.44 15.47 51.66
N GLY H 14 -17.24 15.47 51.07
CA GLY H 14 -16.01 15.20 51.80
C GLY H 14 -15.84 13.75 52.18
N ALA H 15 -16.18 12.85 51.27
CA ALA H 15 -16.11 11.41 51.52
C ALA H 15 -15.22 10.68 50.51
N SER H 16 -15.44 9.37 50.38
CA SER H 16 -14.68 8.52 49.47
C SER H 16 -15.59 7.58 48.67
N VAL H 17 -15.38 7.52 47.36
CA VAL H 17 -16.14 6.62 46.49
C VAL H 17 -15.26 5.78 45.57
N LYS H 18 -15.44 4.47 45.66
CA LYS H 18 -14.61 3.47 44.97
C LYS H 18 -15.37 2.80 43.82
N LEU H 19 -14.85 2.96 42.59
CA LEU H 19 -15.49 2.42 41.38
C LEU H 19 -14.84 1.14 40.90
N SER H 20 -15.37 0.57 39.82
CA SER H 20 -14.84 -0.65 39.22
C SER H 20 -15.02 -0.66 37.69
N CYS H 21 -14.11 -1.33 37.00
CA CYS H 21 -14.14 -1.47 35.55
C CYS H 21 -13.36 -2.71 35.09
N LYS H 22 -13.92 -3.43 34.14
CA LYS H 22 -13.33 -4.67 33.64
C LYS H 22 -13.09 -4.60 32.13
N ALA H 23 -12.13 -5.39 31.64
CA ALA H 23 -11.84 -5.49 30.20
C ALA H 23 -11.84 -6.94 29.72
N SER H 24 -11.97 -7.15 28.41
CA SER H 24 -11.88 -8.49 27.84
C SER H 24 -10.85 -8.54 26.71
N GLY H 25 -9.83 -9.36 26.90
CA GLY H 25 -8.76 -9.55 25.92
C GLY H 25 -7.43 -8.93 26.32
N TYR H 26 -6.44 -9.08 25.44
CA TYR H 26 -5.13 -8.45 25.64
C TYR H 26 -5.24 -6.94 25.50
N THR H 27 -6.37 -6.50 24.93
CA THR H 27 -6.69 -5.08 24.72
C THR H 27 -6.82 -4.29 26.03
N PHE H 28 -6.08 -4.74 27.03
CA PHE H 28 -6.04 -4.12 28.34
C PHE H 28 -4.63 -3.66 28.65
N THR H 29 -3.70 -4.62 28.65
CA THR H 29 -2.34 -4.40 29.16
C THR H 29 -1.58 -3.34 28.37
N ASN H 30 -1.82 -3.27 27.07
CA ASN H 30 -1.11 -2.36 26.18
C ASN H 30 -1.79 -0.99 26.03
N TYR H 31 -3.12 -1.03 25.95
CA TYR H 31 -3.94 0.17 25.72
C TYR H 31 -4.04 1.02 26.98
N PHE H 32 -3.94 2.34 26.83
CA PHE H 32 -4.14 3.28 27.93
C PHE H 32 -5.61 3.50 28.24
N ILE H 33 -5.95 3.45 29.52
CA ILE H 33 -7.32 3.63 30.00
C ILE H 33 -7.50 5.06 30.52
N TYR H 34 -8.72 5.56 30.42
CA TYR H 34 -9.01 6.96 30.71
C TYR H 34 -10.29 7.06 31.51
N TRP H 35 -10.39 8.09 32.34
CA TRP H 35 -11.58 8.32 33.15
C TRP H 35 -12.17 9.68 32.90
N VAL H 36 -13.47 9.70 32.58
CA VAL H 36 -14.21 10.92 32.23
C VAL H 36 -15.60 10.93 32.88
N LYS H 37 -15.95 12.05 33.49
CA LYS H 37 -17.26 12.22 34.11
C LYS H 37 -18.16 13.18 33.32
N GLN H 38 -19.45 12.86 33.28
CA GLN H 38 -20.40 13.62 32.50
C GLN H 38 -21.28 14.42 33.45
N ARG H 39 -21.32 15.74 33.23
CA ARG H 39 -21.95 16.69 34.17
C ARG H 39 -23.43 16.41 34.53
N PRO H 40 -24.34 16.34 33.54
CA PRO H 40 -24.25 16.55 32.10
C PRO H 40 -24.64 17.96 31.65
N GLY H 41 -24.88 18.85 32.61
CA GLY H 41 -25.27 20.23 32.34
C GLY H 41 -24.22 21.02 31.58
N GLN H 42 -23.00 21.07 32.13
CA GLN H 42 -21.91 21.83 31.53
C GLN H 42 -21.22 21.10 30.37
N GLY H 43 -20.75 19.89 30.62
CA GLY H 43 -20.08 19.09 29.59
C GLY H 43 -19.27 17.92 30.12
N LEU H 44 -18.36 17.43 29.29
CA LEU H 44 -17.53 16.27 29.63
C LEU H 44 -16.16 16.71 30.11
N GLU H 45 -15.61 15.98 31.08
CA GLU H 45 -14.33 16.35 31.69
C GLU H 45 -13.33 15.20 31.81
N TRP H 46 -12.04 15.52 31.66
CA TRP H 46 -10.97 14.52 31.74
C TRP H 46 -10.36 14.49 33.10
N ILE H 47 -10.15 13.27 33.59
CA ILE H 47 -9.50 13.04 34.87
C ILE H 47 -8.01 12.76 34.63
N GLY H 48 -7.72 11.65 33.92
CA GLY H 48 -6.34 11.23 33.65
C GLY H 48 -6.21 9.95 32.84
N GLU H 49 -4.96 9.56 32.57
CA GLU H 49 -4.66 8.29 31.91
C GLU H 49 -3.93 7.34 32.87
N ILE H 50 -3.91 6.04 32.55
CA ILE H 50 -3.26 5.04 33.42
C ILE H 50 -2.72 3.82 32.66
N ASN H 51 -1.40 3.70 32.56
CA ASN H 51 -0.79 2.54 31.89
C ASN H 51 -0.99 1.27 32.70
N PRO H 52 -1.61 0.24 32.09
CA PRO H 52 -1.86 -1.01 32.80
C PRO H 52 -0.60 -1.84 33.08
N ARG H 53 0.42 -1.69 32.25
CA ARG H 53 1.69 -2.42 32.39
C ARG H 53 2.52 -1.90 33.57
N ASN H 54 3.00 -0.67 33.47
CA ASN H 54 3.83 -0.05 34.51
C ASN H 54 2.97 0.41 35.69
N GLY H 55 2.16 1.43 35.45
CA GLY H 55 1.32 2.03 36.47
C GLY H 55 1.31 3.55 36.35
N ASP H 56 2.31 4.08 35.65
CA ASP H 56 2.54 5.53 35.56
C ASP H 56 1.41 6.33 34.90
N THR H 57 0.96 7.37 35.61
CA THR H 57 -0.21 8.15 35.21
C THR H 57 0.15 9.58 34.80
N ASP H 58 -0.88 10.38 34.53
CA ASP H 58 -0.75 11.80 34.24
C ASP H 58 -2.14 12.42 34.40
N PHE H 59 -2.51 12.73 35.64
CA PHE H 59 -3.81 13.31 35.96
C PHE H 59 -3.91 14.75 35.46
N ASN H 60 -5.13 15.29 35.45
CA ASN H 60 -5.34 16.70 35.18
C ASN H 60 -4.99 17.48 36.43
N GLU H 61 -4.24 18.57 36.27
CA GLU H 61 -3.73 19.34 37.40
C GLU H 61 -4.83 20.07 38.20
N LYS H 62 -5.97 20.29 37.54
CA LYS H 62 -7.12 20.92 38.17
C LYS H 62 -7.86 19.95 39.09
N PHE H 63 -7.88 18.67 38.71
CA PHE H 63 -8.62 17.64 39.44
C PHE H 63 -7.72 16.49 39.88
N GLU H 64 -6.47 16.82 40.22
CA GLU H 64 -5.47 15.83 40.60
C GLU H 64 -5.74 15.28 41.99
N SER H 65 -6.04 16.16 42.94
CA SER H 65 -6.25 15.80 44.34
C SER H 65 -7.49 14.94 44.56
N ARG H 66 -8.59 15.31 43.92
CA ARG H 66 -9.81 14.52 43.94
C ARG H 66 -9.72 13.42 42.88
N ALA H 67 -8.80 12.49 43.09
CA ALA H 67 -8.49 11.43 42.14
C ALA H 67 -7.46 10.47 42.71
N THR H 68 -7.69 9.17 42.53
CA THR H 68 -6.74 8.12 42.89
C THR H 68 -6.92 6.88 42.02
N LEU H 69 -5.95 6.60 41.15
CA LEU H 69 -6.04 5.51 40.20
C LEU H 69 -5.09 4.36 40.48
N THR H 70 -5.66 3.17 40.65
CA THR H 70 -4.89 1.96 40.96
C THR H 70 -5.28 0.80 40.05
N VAL H 71 -4.45 0.51 39.06
CA VAL H 71 -4.68 -0.60 38.15
C VAL H 71 -4.14 -1.93 38.73
N ASP H 72 -5.03 -2.89 38.93
CA ASP H 72 -4.63 -4.22 39.37
C ASP H 72 -4.65 -5.19 38.22
N LYS H 73 -3.48 -5.74 37.89
CA LYS H 73 -3.35 -6.70 36.79
C LYS H 73 -4.13 -8.00 37.07
N SER H 74 -5.09 -7.90 37.98
CA SER H 74 -5.91 -9.02 38.42
C SER H 74 -6.74 -9.62 37.28
N SER H 75 -8.00 -9.19 37.16
CA SER H 75 -8.85 -9.63 36.06
C SER H 75 -9.12 -8.47 35.11
N SER H 76 -8.03 -7.87 34.63
CA SER H 76 -8.08 -6.67 33.78
C SER H 76 -8.93 -5.58 34.44
N THR H 77 -8.61 -5.30 35.70
CA THR H 77 -9.41 -4.42 36.52
C THR H 77 -8.78 -3.05 36.68
N ALA H 78 -9.63 -2.03 36.73
CA ALA H 78 -9.17 -0.68 37.04
C ALA H 78 -10.16 -0.02 38.00
N TYR H 79 -9.64 0.43 39.14
CA TYR H 79 -10.45 1.01 40.19
C TYR H 79 -10.16 2.50 40.33
N MET H 80 -11.09 3.22 40.95
CA MET H 80 -10.94 4.66 41.12
C MET H 80 -11.70 5.16 42.34
N GLN H 81 -10.96 5.59 43.36
CA GLN H 81 -11.55 6.23 44.54
C GLN H 81 -11.58 7.74 44.35
N LEU H 82 -12.19 8.45 45.30
CA LEU H 82 -12.22 9.91 45.25
C LEU H 82 -11.89 10.54 46.59
N SER H 83 -10.74 11.22 46.63
CA SER H 83 -10.27 11.88 47.84
C SER H 83 -11.08 13.15 48.11
N SER H 84 -12.01 13.05 49.07
CA SER H 84 -12.86 14.16 49.52
C SER H 84 -13.81 14.73 48.46
N LEU H 85 -15.11 14.58 48.71
CA LEU H 85 -16.14 15.11 47.82
C LEU H 85 -16.50 16.57 48.11
N THR H 86 -17.19 17.21 47.16
CA THR H 86 -17.58 18.61 47.28
C THR H 86 -19.09 18.80 47.03
N SER H 87 -19.45 19.40 45.90
CA SER H 87 -20.85 19.66 45.53
C SER H 87 -21.00 19.51 44.02
N GLU H 88 -19.90 19.76 43.32
CA GLU H 88 -19.81 19.69 41.86
C GLU H 88 -19.38 18.30 41.36
N ASP H 89 -19.18 17.37 42.30
CA ASP H 89 -18.81 15.99 41.97
C ASP H 89 -20.02 15.18 41.48
N SER H 90 -21.17 15.85 41.39
CA SER H 90 -22.41 15.24 40.92
C SER H 90 -22.37 15.00 39.41
N ALA H 91 -21.78 13.88 39.01
CA ALA H 91 -21.59 13.54 37.59
C ALA H 91 -21.42 12.03 37.37
N ILE H 92 -21.89 11.54 36.23
CA ILE H 92 -21.79 10.12 35.88
C ILE H 92 -20.41 9.79 35.31
N TYR H 93 -19.79 8.74 35.85
CA TYR H 93 -18.42 8.37 35.49
C TYR H 93 -18.35 7.28 34.43
N TYR H 94 -17.34 7.38 33.56
CA TYR H 94 -17.10 6.41 32.50
C TYR H 94 -15.68 5.86 32.52
N CYS H 95 -15.52 4.64 32.02
CA CYS H 95 -14.24 3.98 31.91
C CYS H 95 -13.94 3.71 30.43
N THR H 96 -13.33 4.69 29.76
CA THR H 96 -13.18 4.66 28.29
C THR H 96 -11.91 3.95 27.83
N ARG H 97 -11.75 3.82 26.52
CA ARG H 97 -10.62 3.11 25.90
C ARG H 97 -10.18 3.86 24.64
N SER H 98 -9.00 3.51 24.12
CA SER H 98 -8.53 4.07 22.86
C SER H 98 -7.85 3.03 22.00
N PRO H 99 -8.03 3.11 20.66
CA PRO H 99 -7.59 2.08 19.72
C PRO H 99 -6.09 2.07 19.46
N TYR H 100 -5.48 3.25 19.45
CA TYR H 100 -4.05 3.38 19.25
C TYR H 100 -3.32 3.69 20.57
N GLY H 101 -3.26 2.69 21.45
CA GLY H 101 -2.59 2.82 22.73
C GLY H 101 -3.15 3.97 23.53
N ASN H 102 -2.53 5.13 23.37
CA ASN H 102 -2.90 6.33 24.11
C ASN H 102 -3.32 7.49 23.21
N ASN H 103 -3.62 7.18 21.95
CA ASN H 103 -4.01 8.20 20.99
C ASN H 103 -5.10 7.77 19.99
N TYR H 104 -5.53 8.72 19.16
CA TYR H 104 -6.51 8.49 18.10
C TYR H 104 -7.92 8.17 18.61
N GLY H 105 -8.48 9.10 19.39
CA GLY H 105 -9.88 9.04 19.79
C GLY H 105 -10.23 7.99 20.82
N PHE H 106 -11.50 8.01 21.23
CA PHE H 106 -12.01 7.12 22.26
C PHE H 106 -13.08 6.20 21.71
N THR H 107 -12.62 5.01 21.32
CA THR H 107 -13.48 4.01 20.72
C THR H 107 -14.49 3.45 21.73
N TYR H 108 -14.08 2.48 22.54
CA TYR H 108 -14.99 1.85 23.49
C TYR H 108 -15.15 2.72 24.73
N TRP H 109 -16.35 2.67 25.34
CA TRP H 109 -16.70 3.46 26.52
C TRP H 109 -17.21 2.59 27.62
N GLY H 110 -18.52 2.38 27.66
CA GLY H 110 -19.11 1.53 28.68
C GLY H 110 -20.35 2.17 29.28
N GLN H 111 -21.11 1.35 30.01
CA GLN H 111 -22.40 1.75 30.57
C GLN H 111 -22.31 2.99 31.47
N GLY H 112 -21.30 3.02 32.34
CA GLY H 112 -21.10 4.14 33.24
C GLY H 112 -21.68 3.91 34.62
N THR H 113 -21.50 4.92 35.49
CA THR H 113 -21.99 4.87 36.86
C THR H 113 -22.30 6.29 37.35
N LEU H 114 -23.57 6.53 37.70
CA LEU H 114 -24.03 7.86 38.10
C LEU H 114 -23.78 8.16 39.58
N VAL H 115 -23.11 9.28 39.84
CA VAL H 115 -22.84 9.70 41.22
C VAL H 115 -23.23 11.16 41.45
N THR H 116 -23.92 11.40 42.57
CA THR H 116 -24.28 12.75 42.98
C THR H 116 -23.77 13.07 44.38
N VAL H 117 -23.50 14.35 44.61
CA VAL H 117 -23.04 14.81 45.92
C VAL H 117 -23.88 16.00 46.37
N SER H 118 -24.72 15.76 47.36
CA SER H 118 -25.57 16.81 47.94
C SER H 118 -25.83 16.46 49.42
N ALA H 119 -27.10 16.34 49.79
CA ALA H 119 -27.49 16.01 51.17
C ALA H 119 -28.90 15.45 51.26
N ALA H 120 -29.01 14.13 51.45
CA ALA H 120 -30.30 13.45 51.65
C ALA H 120 -30.12 12.04 52.21
N LYS H 121 -31.20 11.27 52.21
CA LYS H 121 -31.20 9.90 52.74
C LYS H 121 -31.48 8.90 51.62
N THR H 122 -32.51 8.07 51.80
CA THR H 122 -32.87 7.03 50.82
C THR H 122 -34.36 6.69 50.91
N THR H 123 -35.01 6.58 49.75
CA THR H 123 -36.42 6.22 49.69
C THR H 123 -36.69 5.26 48.52
N PRO H 124 -37.21 4.06 48.83
CA PRO H 124 -37.61 3.08 47.81
C PRO H 124 -38.65 3.63 46.84
N PRO H 125 -38.71 3.07 45.62
CA PRO H 125 -39.67 3.52 44.61
C PRO H 125 -41.11 3.15 44.96
N SER H 126 -42.03 4.05 44.64
CA SER H 126 -43.45 3.79 44.82
C SER H 126 -44.07 3.52 43.45
N VAL H 127 -44.38 2.25 43.21
CA VAL H 127 -44.85 1.78 41.90
C VAL H 127 -46.37 1.64 41.87
N TYR H 128 -46.99 2.24 40.86
CA TYR H 128 -48.44 2.22 40.71
C TYR H 128 -48.87 1.81 39.30
N PRO H 129 -49.88 0.91 39.21
CA PRO H 129 -50.38 0.43 37.92
C PRO H 129 -51.29 1.45 37.23
N LEU H 130 -51.13 1.59 35.93
CA LEU H 130 -52.01 2.47 35.15
C LEU H 130 -52.61 1.74 33.95
N ALA H 131 -53.92 1.53 34.03
CA ALA H 131 -54.68 0.78 33.02
C ALA H 131 -56.04 1.42 32.81
N PRO H 132 -56.63 1.25 31.60
CA PRO H 132 -57.97 1.76 31.34
C PRO H 132 -59.03 0.96 32.08
N GLY H 133 -59.79 0.15 31.35
CA GLY H 133 -60.87 -0.64 31.92
C GLY H 133 -62.03 0.22 32.35
N CYS H 134 -63.23 -0.37 32.36
CA CYS H 134 -64.47 0.30 32.78
C CYS H 134 -64.90 1.45 31.87
N GLY H 135 -63.94 2.24 31.40
CA GLY H 135 -64.20 3.38 30.52
C GLY H 135 -64.59 2.97 29.11
N ASP H 136 -63.61 2.94 28.22
CA ASP H 136 -63.85 2.58 26.82
C ASP H 136 -63.02 1.35 26.43
N ALA H 137 -61.69 1.51 26.48
CA ALA H 137 -60.72 0.46 26.13
C ALA H 137 -60.68 0.08 24.65
N ALA H 138 -61.84 0.06 23.99
CA ALA H 138 -61.95 -0.36 22.59
C ALA H 138 -61.26 0.60 21.62
N GLY H 139 -60.31 0.06 20.86
CA GLY H 139 -59.55 0.84 19.87
C GLY H 139 -58.73 -0.04 18.94
N SER H 140 -57.71 0.57 18.33
CA SER H 140 -56.76 -0.15 17.47
C SER H 140 -55.52 -0.50 18.27
N SER H 141 -55.08 0.46 19.08
CA SER H 141 -53.93 0.30 19.95
C SER H 141 -54.21 1.01 21.26
N VAL H 142 -54.41 0.23 22.32
CA VAL H 142 -54.59 0.79 23.66
C VAL H 142 -53.27 0.73 24.42
N THR H 143 -52.70 1.90 24.70
CA THR H 143 -51.42 2.01 25.39
C THR H 143 -51.61 2.09 26.90
N LEU H 144 -50.65 1.54 27.64
CA LEU H 144 -50.72 1.55 29.09
C LEU H 144 -49.48 2.18 29.73
N GLY H 145 -49.62 2.65 30.96
CA GLY H 145 -48.55 3.34 31.67
C GLY H 145 -48.24 2.71 33.02
N CYS H 146 -47.06 3.04 33.54
CA CYS H 146 -46.65 2.60 34.87
C CYS H 146 -46.05 3.77 35.62
N LEU H 147 -46.69 4.15 36.73
CA LEU H 147 -46.19 5.24 37.56
C LEU H 147 -45.12 4.75 38.52
N VAL H 148 -43.98 5.41 38.49
CA VAL H 148 -42.89 5.13 39.41
C VAL H 148 -42.38 6.46 40.00
N LYS H 149 -43.14 6.98 40.96
CA LYS H 149 -42.78 8.23 41.63
C LYS H 149 -42.35 7.95 43.07
N GLY H 150 -41.95 9.00 43.77
CA GLY H 150 -41.58 8.90 45.19
C GLY H 150 -40.41 7.96 45.42
N TYR H 151 -39.23 8.36 44.94
CA TYR H 151 -38.02 7.55 45.08
C TYR H 151 -36.76 8.39 45.16
N PHE H 152 -35.79 7.88 45.91
CA PHE H 152 -34.47 8.50 46.02
C PHE H 152 -33.44 7.42 46.33
N PRO H 153 -32.24 7.50 45.72
CA PRO H 153 -31.77 8.48 44.73
C PRO H 153 -32.20 8.17 43.30
N GLU H 154 -31.38 8.58 42.34
CA GLU H 154 -31.68 8.45 40.91
C GLU H 154 -31.53 7.01 40.39
N SER H 155 -31.17 6.90 39.11
CA SER H 155 -30.97 5.62 38.40
C SER H 155 -32.21 4.72 38.41
N VAL H 156 -32.99 4.81 37.33
CA VAL H 156 -34.23 4.05 37.19
C VAL H 156 -34.48 3.60 35.75
N THR H 157 -34.90 2.34 35.59
CA THR H 157 -35.24 1.79 34.28
C THR H 157 -36.41 0.82 34.40
N VAL H 158 -37.44 1.02 33.59
CA VAL H 158 -38.59 0.14 33.58
C VAL H 158 -38.75 -0.46 32.19
N THR H 159 -38.92 -1.78 32.15
CA THR H 159 -39.09 -2.51 30.90
C THR H 159 -40.36 -3.33 30.94
N TRP H 160 -41.14 -3.27 29.85
CA TRP H 160 -42.42 -3.95 29.75
C TRP H 160 -42.25 -5.28 29.06
N ASN H 161 -42.64 -6.35 29.74
CA ASN H 161 -42.57 -7.72 29.19
C ASN H 161 -41.22 -8.11 28.56
N SER H 162 -40.13 -7.58 29.13
CA SER H 162 -38.77 -7.80 28.63
C SER H 162 -38.51 -7.28 27.20
N GLY H 163 -39.53 -6.68 26.59
CA GLY H 163 -39.41 -6.14 25.24
C GLY H 163 -40.28 -6.87 24.22
N SER H 164 -41.59 -6.89 24.47
CA SER H 164 -42.55 -7.53 23.57
C SER H 164 -42.75 -6.69 22.29
N LEU H 165 -42.71 -5.38 22.46
CA LEU H 165 -42.83 -4.44 21.34
C LEU H 165 -41.97 -3.21 21.60
N SER H 166 -40.69 -3.31 21.25
CA SER H 166 -39.70 -2.25 21.48
C SER H 166 -39.90 -1.03 20.56
N SER H 167 -40.83 -1.15 19.62
CA SER H 167 -41.15 -0.06 18.69
C SER H 167 -41.84 1.10 19.40
N SER H 168 -41.29 2.31 19.21
CA SER H 168 -41.76 3.55 19.84
C SER H 168 -41.95 3.43 21.36
N VAL H 169 -40.84 3.39 22.07
CA VAL H 169 -40.84 3.29 23.54
C VAL H 169 -40.80 4.69 24.17
N HIS H 170 -41.29 4.79 25.40
CA HIS H 170 -41.40 6.08 26.09
C HIS H 170 -40.65 6.11 27.38
N THR H 171 -39.77 7.10 27.52
CA THR H 171 -38.99 7.30 28.73
C THR H 171 -39.17 8.73 29.25
N PHE H 172 -40.10 8.91 30.17
CA PHE H 172 -40.42 10.22 30.74
C PHE H 172 -39.44 10.59 31.85
N PRO H 173 -38.71 11.70 31.67
CA PRO H 173 -37.68 12.14 32.63
C PRO H 173 -38.20 12.30 34.06
N ALA H 174 -37.29 12.20 35.03
CA ALA H 174 -37.64 12.37 36.44
C ALA H 174 -37.85 13.84 36.81
N LEU H 175 -38.88 14.08 37.63
CA LEU H 175 -39.14 15.42 38.16
C LEU H 175 -38.98 15.46 39.67
N LEU H 176 -38.26 16.47 40.13
CA LEU H 176 -37.93 16.62 41.55
C LEU H 176 -39.16 17.06 42.37
N GLN H 177 -39.79 16.10 43.04
CA GLN H 177 -41.01 16.36 43.82
C GLN H 177 -40.84 15.97 45.29
N SER H 178 -41.10 16.94 46.17
CA SER H 178 -40.99 16.78 47.63
C SER H 178 -39.63 16.23 48.08
N GLY H 179 -38.56 16.70 47.44
CA GLY H 179 -37.20 16.24 47.74
C GLY H 179 -36.84 14.91 47.11
N LEU H 180 -37.80 14.33 46.38
CA LEU H 180 -37.64 13.02 45.74
C LEU H 180 -37.79 13.16 44.23
N TYR H 181 -38.16 12.08 43.55
CA TYR H 181 -38.33 12.13 42.09
C TYR H 181 -39.63 11.50 41.62
N THR H 182 -40.09 11.95 40.46
CA THR H 182 -41.33 11.47 39.85
C THR H 182 -41.06 11.06 38.41
N MET H 183 -41.16 9.76 38.16
CA MET H 183 -40.85 9.18 36.86
C MET H 183 -42.00 8.29 36.39
N SER H 184 -42.14 8.18 35.08
CA SER H 184 -43.24 7.44 34.47
C SER H 184 -42.82 6.88 33.12
N SER H 185 -43.42 5.76 32.72
CA SER H 185 -43.13 5.16 31.43
C SER H 185 -44.34 4.47 30.83
N SER H 186 -44.31 4.29 29.51
CA SER H 186 -45.40 3.69 28.76
C SER H 186 -44.88 3.04 27.49
N VAL H 187 -45.72 2.19 26.89
CA VAL H 187 -45.40 1.54 25.62
C VAL H 187 -46.67 1.19 24.84
N THR H 188 -46.54 1.09 23.52
CA THR H 188 -47.67 0.80 22.65
C THR H 188 -47.88 -0.70 22.41
N VAL H 189 -49.15 -1.11 22.36
CA VAL H 189 -49.53 -2.50 22.11
C VAL H 189 -50.89 -2.57 21.38
N PRO H 190 -50.94 -3.35 20.27
CA PRO H 190 -52.20 -3.54 19.52
C PRO H 190 -53.32 -4.14 20.37
N SER H 191 -54.52 -3.59 20.20
CA SER H 191 -55.70 -4.04 20.93
C SER H 191 -56.25 -5.35 20.39
N SER H 192 -55.61 -5.86 19.33
CA SER H 192 -55.99 -7.11 18.68
C SER H 192 -56.17 -8.23 19.70
N THR H 193 -55.21 -8.33 20.63
CA THR H 193 -55.29 -9.29 21.71
C THR H 193 -54.81 -8.64 23.00
N TRP H 194 -55.76 -8.26 23.85
CA TRP H 194 -55.44 -7.67 25.13
C TRP H 194 -56.02 -8.37 26.33
N PRO H 195 -57.36 -8.62 26.36
CA PRO H 195 -57.94 -9.25 27.55
C PRO H 195 -57.43 -10.69 27.78
N SER H 196 -56.45 -11.11 26.99
CA SER H 196 -55.87 -12.45 27.08
C SER H 196 -54.48 -12.44 27.72
N GLN H 197 -53.50 -11.91 26.99
CA GLN H 197 -52.10 -11.87 27.43
C GLN H 197 -51.90 -11.01 28.68
N THR H 198 -51.06 -11.52 29.58
CA THR H 198 -50.70 -10.82 30.82
C THR H 198 -49.55 -9.85 30.54
N VAL H 199 -49.69 -8.63 31.05
CA VAL H 199 -48.68 -7.59 30.86
C VAL H 199 -48.19 -7.04 32.21
N THR H 200 -46.86 -7.01 32.36
CA THR H 200 -46.23 -6.54 33.59
C THR H 200 -45.03 -5.64 33.27
N CYS H 201 -44.91 -4.53 34.00
CA CYS H 201 -43.76 -3.63 33.85
C CYS H 201 -42.69 -3.90 34.89
N SER H 202 -41.48 -4.23 34.42
CA SER H 202 -40.35 -4.57 35.29
C SER H 202 -39.60 -3.33 35.74
N VAL H 203 -39.78 -2.99 37.01
CA VAL H 203 -39.17 -1.79 37.57
C VAL H 203 -37.89 -2.14 38.34
N ALA H 204 -36.81 -1.46 37.98
CA ALA H 204 -35.52 -1.64 38.64
C ALA H 204 -34.98 -0.33 39.16
N HIS H 205 -34.83 -0.25 40.49
CA HIS H 205 -34.21 0.90 41.12
C HIS H 205 -32.99 0.43 41.83
N PRO H 206 -31.83 0.46 41.14
CA PRO H 206 -30.55 -0.02 41.67
C PRO H 206 -29.96 0.85 42.78
N ALA H 207 -30.39 2.11 42.87
CA ALA H 207 -29.88 3.04 43.88
C ALA H 207 -30.33 2.67 45.29
N SER H 208 -31.47 1.95 45.38
CA SER H 208 -31.98 1.45 46.65
C SER H 208 -32.21 -0.07 46.62
N SER H 209 -31.99 -0.68 45.45
CA SER H 209 -32.12 -2.13 45.22
C SER H 209 -33.52 -2.67 45.53
N THR H 210 -34.47 -2.33 44.65
CA THR H 210 -35.85 -2.79 44.78
C THR H 210 -36.43 -3.14 43.41
N THR H 211 -37.29 -4.15 43.40
CA THR H 211 -37.93 -4.62 42.18
C THR H 211 -39.43 -4.88 42.40
N VAL H 212 -40.26 -3.99 41.87
CA VAL H 212 -41.71 -4.15 41.92
C VAL H 212 -42.26 -4.29 40.50
N ASP H 213 -43.00 -5.38 40.28
CA ASP H 213 -43.56 -5.69 38.97
C ASP H 213 -44.99 -6.22 39.14
N LYS H 214 -45.96 -5.45 38.64
CA LYS H 214 -47.38 -5.73 38.88
C LYS H 214 -48.13 -6.12 37.60
N LYS H 215 -49.23 -6.85 37.77
CA LYS H 215 -50.09 -7.34 36.68
C LYS H 215 -51.03 -6.25 36.17
N LEU H 216 -51.36 -6.31 34.87
CA LEU H 216 -52.26 -5.33 34.25
C LEU H 216 -53.47 -5.98 33.57
N GLU H 217 -54.66 -5.63 34.05
CA GLU H 217 -55.95 -6.10 33.50
C GLU H 217 -57.12 -5.15 33.88
N PRO H 218 -58.20 -5.11 33.07
CA PRO H 218 -59.35 -4.26 33.38
C PRO H 218 -60.08 -4.68 34.66
#